data_6HYU
#
_entry.id   6HYU
#
_cell.length_a   66.104
_cell.length_b   138.601
_cell.length_c   169.143
_cell.angle_alpha   90.00
_cell.angle_beta   90.00
_cell.angle_gamma   90.00
#
_symmetry.space_group_name_H-M   'P 21 2 21'
#
loop_
_entity.id
_entity.type
_entity.pdbx_description
1 polymer 'ATP-dependent RNA helicase DHX8'
2 polymer "RNA (5'-R(*AP*AP*AP*AP*AP*A)-3')"
3 polymer "RNA (5'-R(*A*AP*A)-3')"
4 non-polymer 1,2-ETHANEDIOL
5 water water
#
loop_
_entity_poly.entity_id
_entity_poly.type
_entity_poly.pdbx_seq_one_letter_code
_entity_poly.pdbx_strand_id
1 'polypeptide(L)'
;ASYGKKTQMSILEQRESLPIYKLKEQLVQAVHDNQILIVIGETGSGKTTQITQYLAEAGYTSRGKIGCTQPRRVAAMSVA
KRVSEEFGCCLGQEVGYTIRFEDCTSPETVIKYMTDGMLLRECLIDPDLTQYAIIMLDEAHERTIHTDVLFGLLKKTVQK
RQDMKLIVTSATLDAVKFSQYFYEAPIFTIPGRTYPVEILYTKEPETDYLDASLITVMQIHLTEPPGDILVFLTGQEEID
TACEILYERMKSLGPDVPELIILPVYSALPSEMQTRIFDPAPPGSRKVVIATNIAETSLTIDGIYYVVDPGFVKQKVYNS
KTGIDQLVVTPISQAQAKQRAGRAGRTGPGKCYRLYTERAYRDEMLTTNVPEIQRTNLASTVLSLKAMGINDLLSFDFMD
APPMETLITAMEQLYTLGALDDEGLLTRLGRRMAEFPLEPMLCKMLIMSVHLGCSEEMLTIVSMLSVQNVFYRPKDKQAL
ADQKKAKFHQTEGDHLTLLAVYNSWKNNKFSNPWCYENFIQARSLRRAQDIRKQMLGIMDRHKLDVVSCGKSTVRVQKAI
CSGFFRNAAKKDPQEGYRTLIDQQVVYIHPSSALFNRQPEWVVYHELVLTTKEYMREVTTIDPRWLVEFAPAFFKVSDPT
KLSKQKKQQRLEPLYNRYEEPNAWRISRAFRRR
;
A,C
2 'polyribonucleotide' AAAAAA B
3 'polyribonucleotide' AAA D
#
# COMPACT_ATOMS: atom_id res chain seq x y z
CA TYR A 21 6.03 -22.57 -12.80
C TYR A 21 7.19 -22.58 -13.79
N LYS A 22 8.37 -22.13 -13.34
CA LYS A 22 9.63 -22.08 -14.11
C LYS A 22 10.70 -23.01 -13.49
N LEU A 23 10.59 -23.26 -12.17
CA LEU A 23 11.49 -24.13 -11.39
C LEU A 23 10.70 -25.26 -10.68
N LYS A 24 9.44 -25.47 -11.12
CA LYS A 24 8.54 -26.53 -10.65
C LYS A 24 9.09 -27.86 -11.17
N GLU A 25 9.47 -27.86 -12.46
CA GLU A 25 10.03 -28.97 -13.25
C GLU A 25 11.22 -29.65 -12.57
N GLN A 26 12.09 -28.82 -11.97
CA GLN A 26 13.32 -29.19 -11.27
C GLN A 26 13.03 -29.90 -9.94
N LEU A 27 12.10 -29.33 -9.15
CA LEU A 27 11.66 -29.82 -7.85
C LEU A 27 11.14 -31.26 -7.89
N VAL A 28 10.15 -31.54 -8.78
CA VAL A 28 9.51 -32.86 -8.97
C VAL A 28 10.49 -33.93 -9.50
N GLN A 29 11.48 -33.52 -10.30
CA GLN A 29 12.49 -34.42 -10.80
C GLN A 29 13.41 -34.79 -9.63
N ALA A 30 14.02 -33.77 -8.95
CA ALA A 30 14.88 -33.91 -7.77
C ALA A 30 14.21 -34.63 -6.61
N VAL A 31 12.87 -34.49 -6.47
CA VAL A 31 12.05 -35.17 -5.45
C VAL A 31 11.92 -36.66 -5.78
N HIS A 32 11.87 -37.02 -7.08
CA HIS A 32 11.81 -38.42 -7.52
C HIS A 32 13.17 -39.08 -7.38
N ASP A 33 14.22 -38.34 -7.76
CA ASP A 33 15.62 -38.77 -7.75
C ASP A 33 16.16 -39.01 -6.33
N ASN A 34 15.97 -38.03 -5.42
CA ASN A 34 16.47 -38.05 -4.03
C ASN A 34 15.41 -38.41 -3.01
N GLN A 35 15.78 -39.26 -2.02
CA GLN A 35 14.89 -39.72 -0.96
C GLN A 35 14.65 -38.59 0.02
N ILE A 36 15.75 -37.99 0.53
CA ILE A 36 15.70 -36.84 1.44
C ILE A 36 16.17 -35.62 0.68
N LEU A 37 15.39 -34.55 0.72
CA LEU A 37 15.69 -33.34 -0.02
C LEU A 37 15.49 -32.11 0.86
N ILE A 38 16.57 -31.36 1.09
CA ILE A 38 16.50 -30.13 1.89
C ILE A 38 16.05 -29.02 0.95
N VAL A 39 15.33 -28.02 1.47
CA VAL A 39 14.81 -26.93 0.65
C VAL A 39 14.95 -25.55 1.38
N ILE A 40 15.61 -24.61 0.67
CA ILE A 40 15.95 -23.23 1.04
C ILE A 40 15.18 -22.34 0.06
N GLY A 41 14.42 -21.38 0.57
CA GLY A 41 13.63 -20.48 -0.27
C GLY A 41 12.48 -19.80 0.46
N GLU A 42 11.35 -19.55 -0.26
CA GLU A 42 10.13 -18.90 0.26
C GLU A 42 9.36 -19.70 1.40
N THR A 43 8.25 -19.16 1.90
CA THR A 43 7.56 -19.85 3.01
C THR A 43 6.04 -19.81 2.82
N GLY A 44 5.31 -20.73 3.45
CA GLY A 44 3.84 -20.74 3.33
C GLY A 44 3.45 -20.82 1.88
N SER A 45 2.62 -19.92 1.39
CA SER A 45 2.30 -20.01 -0.05
C SER A 45 3.61 -19.74 -0.80
N GLY A 46 3.99 -20.71 -1.62
CA GLY A 46 5.21 -20.70 -2.42
C GLY A 46 6.08 -21.88 -2.06
N LYS A 47 6.05 -22.21 -0.75
CA LYS A 47 6.70 -23.35 -0.13
C LYS A 47 5.63 -24.46 -0.03
N THR A 48 5.17 -24.79 1.21
CA THR A 48 4.17 -25.82 1.56
C THR A 48 2.91 -25.86 0.68
N THR A 49 2.41 -24.69 0.17
CA THR A 49 1.22 -24.67 -0.70
C THR A 49 1.64 -25.17 -2.08
N GLN A 50 2.51 -24.41 -2.77
CA GLN A 50 3.01 -24.72 -4.11
C GLN A 50 3.61 -26.14 -4.22
N ILE A 51 4.62 -26.44 -3.38
CA ILE A 51 5.35 -27.71 -3.36
C ILE A 51 4.38 -28.91 -3.34
N THR A 52 3.50 -28.96 -2.33
CA THR A 52 2.58 -30.06 -2.08
C THR A 52 1.70 -30.44 -3.28
N GLN A 53 1.15 -29.43 -4.01
CA GLN A 53 0.27 -29.72 -5.16
C GLN A 53 1.06 -30.22 -6.36
N TYR A 54 2.36 -29.87 -6.46
CA TYR A 54 3.23 -30.35 -7.54
C TYR A 54 3.43 -31.86 -7.44
N LEU A 55 3.62 -32.36 -6.20
CA LEU A 55 3.81 -33.78 -5.89
C LEU A 55 2.49 -34.48 -6.03
N ALA A 56 1.40 -33.72 -5.81
CA ALA A 56 0.05 -34.22 -5.96
C ALA A 56 -0.18 -34.44 -7.46
N GLU A 57 0.30 -33.49 -8.31
CA GLU A 57 0.26 -33.55 -9.78
C GLU A 57 1.15 -34.67 -10.33
N ALA A 58 2.22 -35.03 -9.56
CA ALA A 58 3.17 -36.10 -9.88
C ALA A 58 2.70 -37.50 -9.40
N GLY A 59 1.45 -37.55 -8.90
CA GLY A 59 0.75 -38.75 -8.44
C GLY A 59 1.36 -39.49 -7.28
N TYR A 60 1.79 -38.77 -6.22
CA TYR A 60 2.32 -39.43 -5.04
C TYR A 60 1.19 -39.80 -4.08
N THR A 61 0.00 -39.20 -4.27
CA THR A 61 -1.21 -39.43 -3.47
C THR A 61 -1.73 -40.85 -3.68
N SER A 62 -1.39 -41.44 -4.83
CA SER A 62 -1.73 -42.81 -5.21
C SER A 62 -0.90 -43.82 -4.40
N ARG A 63 0.37 -43.48 -4.11
CA ARG A 63 1.33 -44.31 -3.36
C ARG A 63 1.03 -44.29 -1.83
N GLY A 64 0.37 -43.22 -1.37
CA GLY A 64 0.02 -43.00 0.03
C GLY A 64 -0.22 -41.55 0.35
N LYS A 65 -0.18 -41.20 1.64
CA LYS A 65 -0.42 -39.82 2.05
C LYS A 65 0.81 -38.95 1.94
N ILE A 66 0.56 -37.66 1.89
CA ILE A 66 1.56 -36.60 1.95
C ILE A 66 1.29 -36.03 3.33
N GLY A 67 2.30 -36.01 4.18
CA GLY A 67 2.13 -35.46 5.51
C GLY A 67 2.86 -34.15 5.61
N CYS A 68 2.15 -33.02 5.66
CA CYS A 68 2.92 -31.78 5.78
C CYS A 68 2.92 -31.31 7.20
N THR A 69 4.06 -30.81 7.70
CA THR A 69 4.10 -30.30 9.06
C THR A 69 4.18 -28.79 9.07
N GLN A 70 3.63 -28.16 10.12
CA GLN A 70 3.62 -26.71 10.31
C GLN A 70 4.01 -26.38 11.77
N PRO A 71 4.67 -25.26 12.05
CA PRO A 71 5.05 -24.99 13.43
C PRO A 71 3.83 -24.79 14.32
N ARG A 72 2.87 -23.96 13.87
CA ARG A 72 1.67 -23.61 14.62
C ARG A 72 0.42 -24.28 14.13
N ARG A 73 -0.55 -24.44 15.03
CA ARG A 73 -1.86 -25.01 14.79
C ARG A 73 -2.58 -24.27 13.67
N VAL A 74 -2.68 -22.92 13.81
CA VAL A 74 -3.35 -21.97 12.91
C VAL A 74 -2.91 -22.14 11.49
N ALA A 75 -1.59 -22.16 11.27
CA ALA A 75 -0.99 -22.39 9.95
C ALA A 75 -1.26 -23.78 9.41
N ALA A 76 -1.17 -24.82 10.25
CA ALA A 76 -1.46 -26.19 9.83
C ALA A 76 -2.86 -26.24 9.18
N MET A 77 -3.87 -25.64 9.85
CA MET A 77 -5.20 -25.61 9.30
C MET A 77 -5.36 -24.53 8.24
N SER A 78 -4.49 -23.52 8.20
CA SER A 78 -4.64 -22.50 7.16
C SER A 78 -4.09 -22.95 5.80
N VAL A 79 -2.91 -23.62 5.77
CA VAL A 79 -2.37 -24.16 4.51
C VAL A 79 -3.35 -25.25 4.10
N ALA A 80 -3.76 -26.16 5.04
CA ALA A 80 -4.76 -27.21 4.80
C ALA A 80 -6.09 -26.71 4.13
N LYS A 81 -6.60 -25.52 4.55
CA LYS A 81 -7.80 -24.89 3.95
C LYS A 81 -7.43 -24.41 2.54
N ARG A 82 -6.32 -23.66 2.41
CA ARG A 82 -5.79 -23.15 1.15
C ARG A 82 -5.69 -24.29 0.13
N VAL A 83 -4.98 -25.39 0.47
CA VAL A 83 -4.74 -26.54 -0.42
C VAL A 83 -6.05 -27.19 -0.87
N SER A 84 -7.00 -27.50 0.05
CA SER A 84 -8.30 -28.10 -0.27
C SER A 84 -9.11 -27.20 -1.20
N GLU A 85 -8.96 -25.88 -1.03
CA GLU A 85 -9.59 -24.86 -1.88
C GLU A 85 -9.02 -24.94 -3.30
N GLU A 86 -7.68 -24.98 -3.41
CA GLU A 86 -6.92 -25.09 -4.67
C GLU A 86 -7.23 -26.43 -5.37
N PHE A 87 -7.18 -27.53 -4.59
CA PHE A 87 -7.42 -28.92 -4.99
C PHE A 87 -8.88 -29.19 -5.37
N GLY A 88 -9.80 -28.34 -4.91
CA GLY A 88 -11.22 -28.42 -5.21
C GLY A 88 -12.05 -29.22 -4.23
N CYS A 89 -11.45 -30.30 -3.69
CA CYS A 89 -12.06 -31.23 -2.74
C CYS A 89 -12.53 -30.55 -1.45
N CYS A 90 -13.43 -31.22 -0.72
CA CYS A 90 -13.96 -30.73 0.55
C CYS A 90 -12.88 -30.83 1.63
N LEU A 91 -12.91 -29.94 2.64
CA LEU A 91 -11.91 -30.00 3.72
C LEU A 91 -12.25 -31.14 4.69
N GLY A 92 -11.24 -31.88 5.11
CA GLY A 92 -11.45 -33.04 5.96
C GLY A 92 -11.64 -34.32 5.16
N GLN A 93 -11.68 -34.20 3.82
CA GLN A 93 -11.81 -35.32 2.90
C GLN A 93 -10.43 -35.70 2.36
N GLU A 94 -10.13 -35.46 1.05
CA GLU A 94 -8.83 -35.75 0.43
C GLU A 94 -7.77 -34.89 1.07
N VAL A 95 -8.10 -33.61 1.31
CA VAL A 95 -7.26 -32.66 2.02
C VAL A 95 -7.92 -32.42 3.37
N GLY A 96 -7.22 -32.83 4.41
CA GLY A 96 -7.62 -32.70 5.80
C GLY A 96 -6.45 -32.29 6.68
N TYR A 97 -6.71 -31.96 7.93
CA TYR A 97 -5.66 -31.57 8.85
C TYR A 97 -5.84 -32.27 10.17
N THR A 98 -4.87 -32.10 11.09
CA THR A 98 -4.89 -32.65 12.44
C THR A 98 -4.09 -31.74 13.36
N ILE A 99 -4.82 -31.14 14.28
CA ILE A 99 -4.31 -30.22 15.27
C ILE A 99 -4.83 -30.70 16.62
N ARG A 100 -4.21 -30.26 17.73
CA ARG A 100 -4.60 -30.55 19.12
C ARG A 100 -5.13 -32.01 19.35
N PHE A 101 -6.40 -32.10 19.75
CA PHE A 101 -7.14 -33.31 20.04
C PHE A 101 -8.27 -33.49 19.00
N GLU A 102 -8.13 -32.86 17.82
CA GLU A 102 -9.13 -32.92 16.74
C GLU A 102 -8.57 -33.55 15.47
N ASP A 103 -9.20 -34.64 14.99
CA ASP A 103 -8.77 -35.30 13.76
C ASP A 103 -9.78 -34.99 12.73
N CYS A 104 -9.50 -33.93 12.01
CA CYS A 104 -10.31 -33.34 10.96
C CYS A 104 -9.96 -33.98 9.63
N THR A 105 -9.98 -35.32 9.59
CA THR A 105 -9.67 -36.13 8.40
C THR A 105 -10.71 -37.22 8.13
N SER A 106 -10.39 -38.08 7.15
CA SER A 106 -11.20 -39.17 6.64
C SER A 106 -10.31 -40.27 6.12
N PRO A 107 -10.83 -41.50 5.84
CA PRO A 107 -9.99 -42.50 5.18
C PRO A 107 -9.63 -42.03 3.76
N GLU A 108 -10.45 -41.11 3.19
CA GLU A 108 -10.26 -40.48 1.90
C GLU A 108 -9.07 -39.47 1.90
N THR A 109 -8.50 -39.13 3.10
CA THR A 109 -7.35 -38.21 3.23
C THR A 109 -6.13 -38.73 2.46
N VAL A 110 -5.57 -37.85 1.66
CA VAL A 110 -4.46 -38.11 0.77
C VAL A 110 -3.35 -37.06 0.96
N ILE A 111 -3.72 -35.86 1.48
CA ILE A 111 -2.89 -34.70 1.84
C ILE A 111 -3.34 -34.33 3.28
N LYS A 112 -2.46 -34.55 4.30
CA LYS A 112 -2.71 -34.29 5.71
C LYS A 112 -1.66 -33.37 6.29
N TYR A 113 -2.13 -32.17 6.63
CA TYR A 113 -1.35 -31.11 7.24
C TYR A 113 -1.47 -31.26 8.75
N MET A 114 -0.33 -31.28 9.46
CA MET A 114 -0.27 -31.40 10.94
C MET A 114 0.91 -30.62 11.53
N THR A 115 1.00 -30.60 12.87
CA THR A 115 2.07 -29.93 13.63
C THR A 115 3.14 -30.97 13.91
N ASP A 116 4.40 -30.55 14.04
CA ASP A 116 5.51 -31.45 14.27
C ASP A 116 5.24 -32.36 15.48
N GLY A 117 4.58 -31.78 16.49
CA GLY A 117 4.13 -32.48 17.70
C GLY A 117 3.20 -33.62 17.36
N MET A 118 2.31 -33.42 16.37
CA MET A 118 1.37 -34.44 15.89
C MET A 118 2.09 -35.62 15.24
N LEU A 119 2.93 -35.36 14.16
CA LEU A 119 3.66 -36.41 13.46
C LEU A 119 4.50 -37.21 14.42
N LEU A 120 5.15 -36.53 15.40
CA LEU A 120 5.94 -37.21 16.42
C LEU A 120 5.04 -38.19 17.19
N ARG A 121 3.91 -37.69 17.73
CA ARG A 121 2.95 -38.46 18.52
C ARG A 121 2.40 -39.68 17.78
N GLU A 122 2.34 -39.57 16.42
CA GLU A 122 1.89 -40.61 15.46
C GLU A 122 3.02 -41.62 15.21
N CYS A 123 4.24 -41.11 15.06
CA CYS A 123 5.43 -41.90 14.87
C CYS A 123 5.73 -42.73 16.11
N LEU A 124 5.26 -42.27 17.28
CA LEU A 124 5.40 -43.01 18.54
C LEU A 124 4.51 -44.26 18.51
N ILE A 125 3.40 -44.19 17.72
CA ILE A 125 2.46 -45.29 17.53
C ILE A 125 3.05 -46.14 16.39
N ASP A 126 3.18 -45.56 15.18
CA ASP A 126 3.76 -46.20 14.01
C ASP A 126 5.09 -45.53 13.67
N PRO A 127 6.21 -46.15 14.12
CA PRO A 127 7.53 -45.53 13.89
C PRO A 127 8.05 -45.66 12.47
N ASP A 128 7.24 -46.28 11.59
CA ASP A 128 7.50 -46.49 10.17
C ASP A 128 6.64 -45.56 9.30
N LEU A 129 5.71 -44.80 9.95
CA LEU A 129 4.79 -43.81 9.38
C LEU A 129 4.25 -44.26 8.04
N THR A 130 3.83 -45.55 8.00
CA THR A 130 3.28 -46.32 6.88
C THR A 130 2.06 -45.64 6.23
N GLN A 131 1.36 -44.75 6.97
CA GLN A 131 0.22 -43.98 6.48
C GLN A 131 0.64 -43.05 5.29
N TYR A 132 1.88 -42.53 5.35
CA TYR A 132 2.45 -41.59 4.41
C TYR A 132 3.42 -42.23 3.44
N ALA A 133 3.74 -41.49 2.37
CA ALA A 133 4.70 -41.81 1.31
C ALA A 133 5.68 -40.64 1.21
N ILE A 134 5.15 -39.43 1.27
CA ILE A 134 5.89 -38.17 1.22
C ILE A 134 5.59 -37.47 2.55
N ILE A 135 6.64 -36.94 3.19
CA ILE A 135 6.60 -36.22 4.47
C ILE A 135 7.26 -34.84 4.30
N MET A 136 6.43 -33.79 4.13
CA MET A 136 6.87 -32.41 4.00
C MET A 136 7.02 -31.87 5.41
N LEU A 137 8.18 -31.26 5.68
CA LEU A 137 8.43 -30.69 7.00
C LEU A 137 8.68 -29.19 6.89
N ASP A 138 8.03 -28.38 7.74
CA ASP A 138 8.33 -26.96 7.82
C ASP A 138 9.14 -26.86 9.07
N GLU A 139 10.46 -26.89 8.87
CA GLU A 139 11.46 -26.83 9.90
C GLU A 139 12.35 -25.57 9.67
N ALA A 140 11.95 -24.75 8.68
CA ALA A 140 12.59 -23.47 8.36
C ALA A 140 12.12 -22.38 9.37
N HIS A 141 11.35 -22.82 10.40
CA HIS A 141 10.81 -22.01 11.50
C HIS A 141 11.81 -22.06 12.68
N GLU A 142 11.51 -22.86 13.71
CA GLU A 142 12.35 -23.00 14.92
C GLU A 142 12.61 -24.47 15.28
N ARG A 143 13.57 -24.75 16.19
CA ARG A 143 13.80 -26.13 16.57
C ARG A 143 13.48 -26.40 18.04
N THR A 144 12.30 -26.99 18.22
CA THR A 144 11.65 -27.44 19.43
C THR A 144 12.00 -28.91 19.71
N ILE A 145 12.03 -29.36 20.99
CA ILE A 145 12.32 -30.76 21.36
C ILE A 145 11.56 -31.75 20.46
N HIS A 146 10.26 -31.47 20.17
CA HIS A 146 9.38 -32.27 19.31
C HIS A 146 10.07 -32.46 17.97
N THR A 147 10.57 -31.35 17.36
CA THR A 147 11.29 -31.32 16.09
C THR A 147 12.58 -32.11 16.22
N ASP A 148 13.34 -31.88 17.31
CA ASP A 148 14.61 -32.57 17.61
C ASP A 148 14.36 -34.10 17.63
N VAL A 149 13.30 -34.53 18.37
CA VAL A 149 12.85 -35.91 18.53
C VAL A 149 12.39 -36.48 17.19
N LEU A 150 11.53 -35.74 16.48
CA LEU A 150 10.99 -36.11 15.18
C LEU A 150 12.09 -36.35 14.19
N PHE A 151 13.06 -35.44 14.13
CA PHE A 151 14.18 -35.53 13.22
C PHE A 151 14.95 -36.81 13.39
N GLY A 152 15.02 -37.29 14.64
CA GLY A 152 15.68 -38.53 15.00
C GLY A 152 14.94 -39.76 14.47
N LEU A 153 13.65 -39.88 14.85
CA LEU A 153 12.75 -40.97 14.45
C LEU A 153 12.67 -41.11 12.91
N LEU A 154 12.62 -39.96 12.21
CA LEU A 154 12.57 -39.89 10.75
C LEU A 154 13.84 -40.41 10.09
N LYS A 155 15.01 -40.15 10.74
CA LYS A 155 16.35 -40.58 10.29
C LYS A 155 16.38 -42.12 10.24
N LYS A 156 15.66 -42.75 11.20
CA LYS A 156 15.48 -44.18 11.35
C LYS A 156 14.46 -44.71 10.31
N THR A 157 13.28 -44.06 10.18
CA THR A 157 12.25 -44.47 9.23
C THR A 157 12.72 -44.21 7.77
N VAL A 158 13.85 -43.49 7.59
CA VAL A 158 14.43 -43.28 6.27
C VAL A 158 15.21 -44.57 5.91
N GLN A 159 15.90 -45.16 6.90
CA GLN A 159 16.63 -46.42 6.76
C GLN A 159 15.66 -47.61 6.75
N LYS A 160 14.52 -47.48 7.48
CA LYS A 160 13.45 -48.47 7.62
C LYS A 160 12.46 -48.47 6.44
N ARG A 161 12.35 -47.33 5.70
CA ARG A 161 11.43 -47.17 4.55
C ARG A 161 12.12 -46.52 3.34
N GLN A 162 12.74 -47.39 2.49
CA GLN A 162 13.49 -47.07 1.27
C GLN A 162 12.62 -46.30 0.25
N ASP A 163 11.30 -46.60 0.25
CA ASP A 163 10.25 -46.03 -0.60
C ASP A 163 9.83 -44.59 -0.20
N MET A 164 9.88 -44.28 1.12
CA MET A 164 9.46 -42.99 1.71
C MET A 164 10.34 -41.80 1.37
N LYS A 165 9.73 -40.76 0.83
CA LYS A 165 10.39 -39.52 0.46
C LYS A 165 10.24 -38.54 1.64
N LEU A 166 11.22 -37.63 1.85
CA LEU A 166 11.18 -36.65 2.93
C LEU A 166 11.80 -35.31 2.55
N ILE A 167 10.94 -34.32 2.33
CA ILE A 167 11.31 -32.95 2.02
C ILE A 167 11.39 -32.23 3.37
N VAL A 168 12.46 -31.46 3.60
CA VAL A 168 12.58 -30.72 4.86
C VAL A 168 12.95 -29.29 4.51
N THR A 169 12.16 -28.30 4.95
CA THR A 169 12.50 -26.89 4.69
C THR A 169 13.41 -26.38 5.77
N SER A 170 14.39 -25.59 5.37
CA SER A 170 15.39 -25.07 6.28
C SER A 170 15.73 -23.67 5.93
N ALA A 171 16.11 -22.90 6.95
CA ALA A 171 16.52 -21.51 6.81
C ALA A 171 17.84 -21.47 6.05
N THR A 172 18.06 -20.43 5.21
CA THR A 172 19.26 -20.28 4.39
C THR A 172 20.52 -20.79 5.08
N LEU A 173 20.78 -20.29 6.30
CA LEU A 173 21.93 -20.66 7.12
C LEU A 173 21.82 -22.10 7.61
N ASP A 174 20.72 -22.42 8.33
CA ASP A 174 20.39 -23.73 8.91
C ASP A 174 20.66 -24.93 7.99
N ALA A 175 20.42 -24.76 6.66
CA ALA A 175 20.54 -25.72 5.55
C ALA A 175 21.71 -26.71 5.60
N VAL A 176 22.93 -26.25 5.93
CA VAL A 176 24.12 -27.10 5.96
C VAL A 176 24.00 -28.21 7.00
N LYS A 177 23.55 -27.84 8.22
CA LYS A 177 23.33 -28.74 9.38
C LYS A 177 22.34 -29.87 9.05
N PHE A 178 21.20 -29.53 8.40
CA PHE A 178 20.13 -30.46 8.00
C PHE A 178 20.62 -31.47 6.97
N SER A 179 21.40 -31.01 5.98
CA SER A 179 21.97 -31.83 4.90
C SER A 179 22.84 -32.91 5.51
N GLN A 180 23.92 -32.49 6.21
CA GLN A 180 24.91 -33.32 6.91
C GLN A 180 24.24 -34.45 7.76
N TYR A 181 23.18 -34.08 8.50
CA TYR A 181 22.40 -34.95 9.39
C TYR A 181 21.58 -35.96 8.63
N PHE A 182 20.97 -35.53 7.53
CA PHE A 182 20.12 -36.40 6.73
C PHE A 182 20.87 -37.06 5.58
N TYR A 183 21.99 -37.70 5.92
CA TYR A 183 22.90 -38.45 5.04
C TYR A 183 23.45 -37.63 3.86
N GLU A 184 23.76 -36.33 4.09
CA GLU A 184 24.29 -35.39 3.10
C GLU A 184 23.32 -35.13 1.93
N ALA A 185 22.00 -35.08 2.24
CA ALA A 185 20.90 -34.84 1.30
C ALA A 185 21.06 -33.50 0.54
N PRO A 186 20.67 -33.41 -0.76
CA PRO A 186 20.86 -32.15 -1.50
C PRO A 186 20.06 -30.95 -0.97
N ILE A 187 20.67 -29.76 -0.99
CA ILE A 187 20.10 -28.50 -0.48
C ILE A 187 19.56 -27.61 -1.62
N PHE A 188 18.36 -27.97 -2.13
CA PHE A 188 17.61 -27.36 -3.25
C PHE A 188 17.16 -25.92 -3.00
N THR A 189 17.66 -24.97 -3.81
CA THR A 189 17.35 -23.56 -3.68
C THR A 189 16.14 -23.16 -4.54
N ILE A 190 15.15 -22.58 -3.86
CA ILE A 190 13.90 -22.03 -4.38
C ILE A 190 14.17 -20.51 -4.47
N PRO A 191 14.12 -19.88 -5.68
CA PRO A 191 14.47 -18.46 -5.79
C PRO A 191 13.32 -17.48 -5.55
N GLY A 192 13.67 -16.19 -5.45
CA GLY A 192 12.72 -15.11 -5.22
C GLY A 192 13.32 -13.78 -4.81
N ARG A 193 12.51 -12.72 -4.94
CA ARG A 193 12.82 -11.33 -4.60
C ARG A 193 12.68 -11.10 -3.08
N THR A 194 13.75 -10.60 -2.48
CA THR A 194 13.81 -10.24 -1.06
C THR A 194 13.63 -8.72 -1.02
N TYR A 195 12.89 -8.17 -0.03
CA TYR A 195 12.75 -6.71 0.00
C TYR A 195 13.52 -6.01 1.13
N PRO A 196 14.18 -4.86 0.86
CA PRO A 196 14.94 -4.19 1.91
C PRO A 196 14.09 -3.59 3.02
N VAL A 197 14.58 -3.79 4.25
CA VAL A 197 13.96 -3.34 5.49
C VAL A 197 14.91 -2.39 6.19
N GLU A 198 14.56 -1.10 6.20
CA GLU A 198 15.29 -0.03 6.87
C GLU A 198 15.04 -0.25 8.38
N ILE A 199 16.06 -0.74 9.09
CA ILE A 199 15.93 -1.01 10.52
C ILE A 199 16.18 0.29 11.31
N LEU A 200 15.34 0.59 12.30
CA LEU A 200 15.51 1.81 13.09
C LEU A 200 15.47 1.50 14.58
N TYR A 201 16.49 1.96 15.34
CA TYR A 201 16.61 1.72 16.79
C TYR A 201 16.11 2.87 17.65
N THR A 202 15.79 2.54 18.95
CA THR A 202 15.37 3.50 19.98
C THR A 202 16.64 4.24 20.32
N LYS A 203 16.57 5.57 20.23
CA LYS A 203 17.70 6.45 20.51
C LYS A 203 18.30 6.03 21.88
N GLU A 204 17.47 6.01 22.92
CA GLU A 204 17.87 5.51 24.24
C GLU A 204 16.89 4.41 24.73
N PRO A 205 17.31 3.48 25.63
CA PRO A 205 16.42 2.37 26.04
C PRO A 205 15.13 2.76 26.75
N GLU A 206 14.01 2.09 26.39
CA GLU A 206 12.74 2.42 27.01
C GLU A 206 12.53 1.73 28.37
N THR A 207 11.76 2.44 29.24
CA THR A 207 11.31 2.05 30.56
C THR A 207 10.33 0.87 30.45
N ASP A 208 9.40 0.92 29.43
CA ASP A 208 8.45 -0.17 29.17
C ASP A 208 8.10 -0.29 27.69
N TYR A 209 8.37 -1.47 27.12
CA TYR A 209 8.15 -1.86 25.72
C TYR A 209 6.70 -1.76 25.29
N LEU A 210 5.75 -2.16 26.19
CA LEU A 210 4.32 -2.17 25.96
C LEU A 210 3.87 -0.82 25.50
N ASP A 211 3.99 0.20 26.40
CA ASP A 211 3.63 1.57 26.09
C ASP A 211 4.37 2.05 24.85
N ALA A 212 5.69 1.84 24.79
CA ALA A 212 6.54 2.26 23.67
C ALA A 212 6.05 1.76 22.32
N SER A 213 5.54 0.51 22.28
CA SER A 213 5.02 -0.09 21.05
C SER A 213 3.80 0.69 20.58
N LEU A 214 2.95 1.11 21.53
CA LEU A 214 1.73 1.88 21.28
C LEU A 214 2.05 3.32 20.87
N ILE A 215 3.23 3.84 21.24
CA ILE A 215 3.71 5.17 20.86
C ILE A 215 4.06 5.04 19.39
N THR A 216 4.80 3.95 19.07
CA THR A 216 5.30 3.59 17.75
C THR A 216 4.12 3.40 16.80
N VAL A 217 3.28 2.35 17.03
CA VAL A 217 2.08 2.01 16.24
C VAL A 217 1.21 3.24 15.92
N MET A 218 0.99 4.17 16.90
CA MET A 218 0.25 5.42 16.70
C MET A 218 0.96 6.27 15.65
N GLN A 219 2.25 6.62 15.92
CA GLN A 219 3.13 7.42 15.05
C GLN A 219 3.12 6.91 13.59
N ILE A 220 3.51 5.61 13.41
CA ILE A 220 3.58 4.86 12.15
C ILE A 220 2.30 5.01 11.34
N HIS A 221 1.14 4.84 12.01
CA HIS A 221 -0.17 4.90 11.41
C HIS A 221 -0.42 6.28 10.81
N LEU A 222 -0.25 7.31 11.62
CA LEU A 222 -0.56 8.68 11.28
C LEU A 222 0.40 9.37 10.32
N THR A 223 1.72 9.10 10.46
CA THR A 223 2.79 9.75 9.70
C THR A 223 3.23 9.07 8.37
N GLU A 224 3.34 7.72 8.37
CA GLU A 224 3.89 6.90 7.29
C GLU A 224 2.88 6.40 6.23
N PRO A 225 3.37 6.04 5.00
CA PRO A 225 2.47 5.57 3.92
C PRO A 225 1.80 4.22 4.18
N PRO A 226 0.96 3.69 3.24
CA PRO A 226 0.29 2.39 3.47
C PRO A 226 1.19 1.22 3.88
N GLY A 227 0.57 0.24 4.53
CA GLY A 227 1.29 -0.94 5.00
C GLY A 227 0.83 -1.35 6.37
N ASP A 228 0.51 -2.62 6.53
CA ASP A 228 -0.03 -3.07 7.79
C ASP A 228 1.08 -3.36 8.75
N ILE A 229 0.91 -2.84 9.96
CA ILE A 229 1.89 -2.92 11.03
C ILE A 229 1.82 -4.29 11.72
N LEU A 230 2.98 -4.86 12.14
CA LEU A 230 3.06 -6.15 12.84
C LEU A 230 3.81 -6.05 14.19
N VAL A 231 3.09 -6.22 15.31
CA VAL A 231 3.72 -6.11 16.64
C VAL A 231 3.96 -7.50 17.30
N PHE A 232 5.15 -7.69 17.91
CA PHE A 232 5.50 -8.93 18.57
C PHE A 232 5.50 -8.80 20.07
N LEU A 233 4.39 -9.21 20.67
CA LEU A 233 4.29 -9.15 22.11
C LEU A 233 4.59 -10.51 22.74
N THR A 234 4.55 -10.56 24.08
CA THR A 234 4.93 -11.72 24.89
C THR A 234 3.79 -12.69 25.12
N GLY A 235 2.65 -12.17 25.59
CA GLY A 235 1.47 -12.96 25.90
C GLY A 235 0.14 -12.29 25.70
N GLN A 236 -0.96 -13.06 25.91
CA GLN A 236 -2.37 -12.67 25.78
C GLN A 236 -2.72 -11.52 26.69
N GLU A 237 -2.34 -11.65 27.95
CA GLU A 237 -2.65 -10.65 28.97
C GLU A 237 -2.09 -9.31 28.53
N GLU A 238 -0.86 -9.32 27.98
CA GLU A 238 -0.16 -8.14 27.48
C GLU A 238 -0.77 -7.61 26.15
N ILE A 239 -1.17 -8.51 25.22
CA ILE A 239 -1.80 -8.16 23.95
C ILE A 239 -3.15 -7.56 24.22
N ASP A 240 -3.92 -8.18 25.13
CA ASP A 240 -5.23 -7.71 25.57
C ASP A 240 -5.12 -6.26 26.09
N THR A 241 -4.16 -6.04 27.02
CA THR A 241 -3.89 -4.72 27.59
C THR A 241 -3.36 -3.75 26.56
N ALA A 242 -2.68 -4.23 25.48
CA ALA A 242 -2.15 -3.37 24.42
C ALA A 242 -3.30 -2.83 23.57
N CYS A 243 -4.14 -3.76 23.04
CA CYS A 243 -5.28 -3.49 22.19
C CYS A 243 -6.29 -2.54 22.79
N GLU A 244 -6.71 -2.79 24.05
CA GLU A 244 -7.70 -1.93 24.69
C GLU A 244 -7.14 -0.51 24.74
N ILE A 245 -5.88 -0.39 25.23
CA ILE A 245 -5.19 0.88 25.39
C ILE A 245 -5.01 1.56 24.05
N LEU A 246 -4.67 0.79 23.02
CA LEU A 246 -4.52 1.31 21.64
C LEU A 246 -5.87 1.78 21.04
N TYR A 247 -6.98 1.14 21.43
CA TYR A 247 -8.32 1.48 20.96
C TYR A 247 -8.79 2.80 21.55
N GLU A 248 -8.69 2.97 22.88
CA GLU A 248 -9.13 4.21 23.54
C GLU A 248 -8.23 5.40 23.18
N ARG A 249 -6.97 5.14 22.76
CA ARG A 249 -6.02 6.17 22.31
C ARG A 249 -6.37 6.60 20.89
N MET A 250 -6.96 5.68 20.12
CA MET A 250 -7.40 5.88 18.75
C MET A 250 -8.71 6.65 18.75
N LYS A 251 -9.71 6.10 19.47
CA LYS A 251 -11.04 6.70 19.62
C LYS A 251 -10.96 8.13 20.15
N SER A 252 -9.89 8.48 20.91
CA SER A 252 -9.68 9.82 21.47
C SER A 252 -9.41 10.87 20.38
N LEU A 253 -8.93 10.42 19.20
CA LEU A 253 -8.60 11.29 18.07
C LEU A 253 -9.79 11.49 17.11
N GLY A 254 -10.99 11.21 17.61
CA GLY A 254 -12.27 11.37 16.92
C GLY A 254 -12.42 10.67 15.59
N PRO A 255 -13.43 11.12 14.78
CA PRO A 255 -13.65 10.50 13.44
C PRO A 255 -12.75 11.07 12.35
N ASP A 256 -11.90 12.04 12.70
CA ASP A 256 -10.93 12.67 11.82
C ASP A 256 -9.89 11.65 11.37
N VAL A 257 -9.16 11.05 12.32
CA VAL A 257 -8.12 10.05 12.09
C VAL A 257 -8.65 8.83 11.32
N PRO A 258 -7.90 8.30 10.32
CA PRO A 258 -8.37 7.09 9.61
C PRO A 258 -8.36 5.87 10.54
N GLU A 259 -9.20 4.88 10.23
CA GLU A 259 -9.36 3.67 11.03
C GLU A 259 -8.10 2.80 11.07
N LEU A 260 -7.88 2.20 12.24
CA LEU A 260 -6.83 1.24 12.49
C LEU A 260 -7.55 -0.05 12.88
N ILE A 261 -7.33 -1.12 12.13
CA ILE A 261 -7.96 -2.41 12.47
C ILE A 261 -7.04 -3.18 13.41
N ILE A 262 -7.22 -2.92 14.71
CA ILE A 262 -6.44 -3.50 15.79
C ILE A 262 -6.77 -4.99 15.81
N LEU A 263 -5.72 -5.83 15.59
CA LEU A 263 -5.87 -7.28 15.45
C LEU A 263 -5.04 -8.09 16.43
N PRO A 264 -5.68 -8.61 17.50
CA PRO A 264 -4.96 -9.46 18.47
C PRO A 264 -4.75 -10.86 17.91
N VAL A 265 -3.58 -11.46 18.16
CA VAL A 265 -3.25 -12.81 17.69
C VAL A 265 -2.46 -13.64 18.72
N TYR A 266 -3.13 -14.59 19.37
CA TYR A 266 -2.52 -15.49 20.34
C TYR A 266 -3.28 -16.79 20.35
N SER A 267 -2.61 -17.92 20.59
CA SER A 267 -3.20 -19.23 20.42
C SER A 267 -4.48 -19.51 21.17
N ALA A 268 -4.78 -18.79 22.27
CA ALA A 268 -6.09 -19.05 22.90
C ALA A 268 -7.26 -18.49 22.09
N LEU A 269 -6.97 -17.62 21.13
CA LEU A 269 -7.93 -16.94 20.28
C LEU A 269 -8.72 -17.84 19.32
N PRO A 270 -10.04 -17.65 19.20
CA PRO A 270 -10.82 -18.51 18.27
C PRO A 270 -10.35 -18.35 16.85
N SER A 271 -10.40 -19.43 16.05
CA SER A 271 -9.94 -19.50 14.66
C SER A 271 -10.43 -18.37 13.78
N GLU A 272 -11.74 -17.99 13.85
CA GLU A 272 -12.32 -16.88 13.05
C GLU A 272 -11.54 -15.58 13.29
N MET A 273 -11.10 -15.37 14.55
CA MET A 273 -10.33 -14.21 15.00
C MET A 273 -8.84 -14.30 14.64
N GLN A 274 -8.30 -15.54 14.57
CA GLN A 274 -6.89 -15.82 14.25
C GLN A 274 -6.67 -15.64 12.78
N THR A 275 -7.58 -16.20 12.00
CA THR A 275 -7.55 -16.14 10.55
C THR A 275 -7.86 -14.74 10.01
N ARG A 276 -8.51 -13.86 10.79
CA ARG A 276 -8.81 -12.52 10.29
C ARG A 276 -7.53 -11.61 10.18
N ILE A 277 -6.37 -12.10 10.64
CA ILE A 277 -5.13 -11.34 10.52
C ILE A 277 -4.65 -11.38 9.09
N PHE A 278 -5.03 -12.45 8.39
CA PHE A 278 -4.70 -12.69 7.00
C PHE A 278 -5.63 -11.89 6.07
N ASP A 279 -6.69 -11.28 6.64
CA ASP A 279 -7.67 -10.51 5.88
C ASP A 279 -7.20 -9.10 5.49
N PRO A 280 -7.35 -8.75 4.18
CA PRO A 280 -6.94 -7.43 3.72
C PRO A 280 -7.98 -6.35 4.03
N ALA A 281 -7.59 -5.44 4.93
CA ALA A 281 -8.37 -4.32 5.45
C ALA A 281 -8.87 -3.40 4.34
N PRO A 282 -9.98 -2.65 4.56
CA PRO A 282 -10.47 -1.69 3.54
C PRO A 282 -9.40 -0.74 2.93
N PRO A 283 -9.68 -0.13 1.75
CA PRO A 283 -8.65 0.70 1.08
C PRO A 283 -8.16 1.95 1.80
N GLY A 284 -8.87 2.36 2.86
CA GLY A 284 -8.53 3.54 3.67
C GLY A 284 -8.12 3.22 5.10
N SER A 285 -8.53 2.06 5.59
CA SER A 285 -8.23 1.65 6.95
C SER A 285 -7.02 0.75 6.93
N ARG A 286 -6.06 1.01 7.83
CA ARG A 286 -4.84 0.19 7.94
C ARG A 286 -4.89 -0.71 9.17
N LYS A 287 -4.20 -1.84 9.16
CA LYS A 287 -4.32 -2.70 10.31
C LYS A 287 -3.03 -2.95 11.05
N VAL A 288 -3.15 -3.15 12.36
CA VAL A 288 -2.05 -3.50 13.24
C VAL A 288 -2.33 -4.90 13.79
N VAL A 289 -1.42 -5.81 13.52
CA VAL A 289 -1.51 -7.21 13.94
C VAL A 289 -0.60 -7.42 15.17
N ILE A 290 -1.21 -7.38 16.38
CA ILE A 290 -0.54 -7.56 17.68
C ILE A 290 -0.60 -9.02 18.08
N ALA A 291 0.48 -9.75 17.71
CA ALA A 291 0.64 -11.19 17.91
C ALA A 291 1.69 -11.60 18.94
N THR A 292 1.75 -12.91 19.23
CA THR A 292 2.71 -13.56 20.13
C THR A 292 3.75 -14.21 19.22
N ASN A 293 4.38 -15.34 19.59
CA ASN A 293 5.27 -15.97 18.59
C ASN A 293 4.47 -16.90 17.69
N ILE A 294 3.12 -16.75 17.72
CA ILE A 294 2.14 -17.48 16.90
C ILE A 294 2.41 -17.03 15.46
N ALA A 295 2.72 -15.76 15.33
CA ALA A 295 2.92 -15.07 14.03
C ALA A 295 4.37 -15.18 13.58
N GLU A 296 5.22 -15.91 14.29
CA GLU A 296 6.64 -16.08 13.89
C GLU A 296 6.79 -17.29 12.95
N THR A 297 5.70 -17.97 12.64
CA THR A 297 5.65 -19.14 11.73
C THR A 297 5.66 -18.68 10.27
N SER A 298 5.82 -19.61 9.35
CA SER A 298 5.86 -19.31 7.91
C SER A 298 4.52 -18.66 7.54
N LEU A 299 3.77 -18.26 8.64
CA LEU A 299 2.49 -17.55 8.73
C LEU A 299 2.73 -16.17 8.11
N THR A 300 2.76 -16.15 6.75
CA THR A 300 3.06 -15.02 5.87
C THR A 300 1.85 -14.12 5.63
N ILE A 301 1.67 -13.12 6.51
CA ILE A 301 0.61 -12.14 6.44
C ILE A 301 0.93 -11.20 5.28
N ASP A 302 -0.03 -11.01 4.40
CA ASP A 302 0.15 -10.18 3.21
C ASP A 302 -0.10 -8.72 3.50
N GLY A 303 0.71 -7.87 2.90
CA GLY A 303 0.59 -6.42 2.99
C GLY A 303 1.18 -5.80 4.24
N ILE A 304 2.12 -6.50 4.91
CA ILE A 304 2.81 -5.96 6.08
C ILE A 304 4.07 -5.23 5.63
N TYR A 305 4.26 -3.99 6.14
CA TYR A 305 5.39 -3.12 5.83
C TYR A 305 6.06 -2.61 7.07
N TYR A 306 5.45 -2.84 8.22
CA TYR A 306 6.02 -2.34 9.46
C TYR A 306 6.10 -3.40 10.53
N VAL A 307 7.26 -3.52 11.20
CA VAL A 307 7.38 -4.47 12.31
C VAL A 307 7.77 -3.72 13.55
N VAL A 308 7.02 -3.90 14.62
CA VAL A 308 7.27 -3.26 15.90
C VAL A 308 7.69 -4.40 16.84
N ASP A 309 9.01 -4.62 16.84
CA ASP A 309 9.72 -5.68 17.52
C ASP A 309 10.34 -5.17 18.81
N PRO A 310 9.74 -5.44 20.01
CA PRO A 310 10.41 -4.98 21.24
C PRO A 310 11.63 -5.86 21.64
N GLY A 311 11.71 -7.06 21.05
CA GLY A 311 12.79 -8.03 21.29
C GLY A 311 12.61 -8.83 22.56
N PHE A 312 11.41 -9.38 22.75
CA PHE A 312 11.07 -10.19 23.92
C PHE A 312 10.13 -11.30 23.54
N VAL A 313 10.35 -12.45 24.18
CA VAL A 313 9.65 -13.70 23.97
C VAL A 313 9.56 -14.49 25.28
N LYS A 314 8.35 -15.07 25.55
CA LYS A 314 8.01 -15.98 26.66
C LYS A 314 8.54 -17.41 26.29
N GLN A 315 9.57 -17.88 27.01
CA GLN A 315 10.21 -19.16 26.72
C GLN A 315 10.70 -19.85 27.97
N LYS A 316 10.97 -21.16 27.86
CA LYS A 316 11.41 -21.92 29.02
C LYS A 316 12.92 -21.83 29.25
N VAL A 317 13.32 -21.68 30.53
CA VAL A 317 14.70 -21.62 30.99
C VAL A 317 14.85 -22.70 32.04
N TYR A 318 15.92 -23.52 31.97
CA TYR A 318 16.10 -24.66 32.89
C TYR A 318 17.36 -24.55 33.72
N ASN A 319 17.26 -24.74 35.06
CA ASN A 319 18.42 -24.76 35.95
C ASN A 319 18.72 -26.21 36.44
N SER A 320 19.94 -26.72 36.18
CA SER A 320 20.33 -28.09 36.57
C SER A 320 20.45 -28.25 38.09
N LYS A 321 20.59 -27.10 38.81
CA LYS A 321 20.70 -26.96 40.27
C LYS A 321 19.50 -27.55 41.04
N THR A 322 18.33 -27.58 40.37
CA THR A 322 17.02 -28.13 40.77
C THR A 322 16.29 -28.33 39.44
N GLY A 323 16.05 -29.60 39.07
CA GLY A 323 15.45 -30.04 37.81
C GLY A 323 14.36 -29.25 37.11
N ILE A 324 13.72 -28.29 37.79
CA ILE A 324 12.62 -27.49 37.25
C ILE A 324 13.03 -26.51 36.15
N ASP A 325 12.16 -26.37 35.14
CA ASP A 325 12.29 -25.47 33.99
C ASP A 325 11.03 -24.60 33.91
N GLN A 326 11.22 -23.28 33.89
CA GLN A 326 10.07 -22.39 33.87
C GLN A 326 10.18 -21.30 32.79
N LEU A 327 9.02 -20.71 32.44
CA LEU A 327 8.92 -19.65 31.45
C LEU A 327 9.39 -18.29 32.02
N VAL A 328 10.45 -17.76 31.44
CA VAL A 328 10.96 -16.43 31.75
C VAL A 328 10.68 -15.54 30.50
N VAL A 329 11.19 -14.29 30.46
CA VAL A 329 10.95 -13.43 29.28
C VAL A 329 12.26 -13.06 28.58
N THR A 330 13.11 -14.07 28.38
CA THR A 330 14.40 -13.91 27.76
C THR A 330 14.29 -13.12 26.45
N PRO A 331 15.05 -11.99 26.26
CA PRO A 331 14.95 -11.23 24.99
C PRO A 331 15.31 -12.03 23.71
N ILE A 332 14.53 -11.83 22.59
CA ILE A 332 14.74 -12.49 21.29
C ILE A 332 16.21 -12.30 20.83
N SER A 333 16.88 -13.39 20.34
CA SER A 333 18.29 -13.35 19.90
C SER A 333 18.46 -12.55 18.63
N GLN A 334 19.68 -12.16 18.31
CA GLN A 334 20.01 -11.42 17.07
C GLN A 334 19.39 -12.12 15.83
N ALA A 335 19.59 -13.47 15.70
CA ALA A 335 19.07 -14.29 14.61
C ALA A 335 17.58 -14.12 14.44
N GLN A 336 16.85 -13.94 15.57
CA GLN A 336 15.40 -13.75 15.62
C GLN A 336 15.02 -12.32 15.23
N ALA A 337 15.73 -11.31 15.82
CA ALA A 337 15.52 -9.90 15.50
C ALA A 337 15.53 -9.70 13.98
N LYS A 338 16.48 -10.39 13.28
CA LYS A 338 16.74 -10.38 11.83
C LYS A 338 15.64 -11.01 11.03
N GLN A 339 14.98 -12.05 11.57
CA GLN A 339 13.88 -12.66 10.84
C GLN A 339 12.64 -11.79 11.02
N ARG A 340 12.46 -11.18 12.24
CA ARG A 340 11.35 -10.28 12.56
C ARG A 340 11.38 -9.07 11.63
N ALA A 341 12.59 -8.59 11.28
CA ALA A 341 12.81 -7.47 10.36
C ALA A 341 12.36 -7.90 9.02
N GLY A 342 12.73 -9.13 8.64
CA GLY A 342 12.37 -9.78 7.39
C GLY A 342 10.88 -9.91 7.22
N ARG A 343 10.13 -9.95 8.35
CA ARG A 343 8.68 -9.97 8.36
C ARG A 343 8.07 -8.66 7.80
N ALA A 344 8.87 -7.58 7.65
CA ALA A 344 8.37 -6.36 7.02
C ALA A 344 8.59 -6.42 5.46
N GLY A 345 9.82 -6.62 5.03
CA GLY A 345 10.16 -6.69 3.61
C GLY A 345 9.78 -7.95 2.88
N ARG A 346 8.48 -8.27 2.85
CA ARG A 346 8.06 -9.47 2.16
C ARG A 346 7.11 -9.15 1.02
N THR A 347 6.08 -8.31 1.24
CA THR A 347 5.10 -7.92 0.21
C THR A 347 5.78 -6.84 -0.67
N GLY A 348 6.63 -6.05 -0.04
CA GLY A 348 7.43 -4.98 -0.63
C GLY A 348 8.43 -4.46 0.40
N PRO A 349 9.25 -3.44 0.06
CA PRO A 349 10.26 -2.91 1.02
C PRO A 349 9.64 -2.35 2.27
N GLY A 350 10.04 -2.88 3.42
CA GLY A 350 9.48 -2.52 4.71
C GLY A 350 10.34 -1.61 5.56
N LYS A 351 10.09 -1.62 6.88
CA LYS A 351 10.78 -0.86 7.93
C LYS A 351 10.63 -1.60 9.28
N CYS A 352 11.76 -1.94 9.96
CA CYS A 352 11.72 -2.66 11.24
C CYS A 352 12.05 -1.74 12.42
N TYR A 353 11.01 -1.46 13.23
CA TYR A 353 11.07 -0.61 14.40
C TYR A 353 11.50 -1.43 15.62
N ARG A 354 12.84 -1.61 15.78
CA ARG A 354 13.46 -2.32 16.90
C ARG A 354 13.37 -1.49 18.18
N LEU A 355 12.48 -1.84 19.13
CA LEU A 355 12.31 -1.06 20.36
C LEU A 355 13.44 -1.32 21.39
N TYR A 356 14.69 -1.19 20.92
CA TYR A 356 15.93 -1.28 21.71
C TYR A 356 17.04 -0.47 21.06
N THR A 357 18.19 -0.39 21.74
CA THR A 357 19.34 0.35 21.23
C THR A 357 20.20 -0.56 20.35
N GLU A 358 21.07 0.06 19.51
CA GLU A 358 22.00 -0.69 18.67
C GLU A 358 23.00 -1.34 19.60
N ARG A 359 23.25 -0.69 20.74
CA ARG A 359 24.07 -1.18 21.84
C ARG A 359 23.44 -2.49 22.35
N ALA A 360 22.10 -2.51 22.57
CA ALA A 360 21.36 -3.68 23.06
C ALA A 360 21.64 -4.88 22.19
N TYR A 361 21.28 -4.80 20.87
CA TYR A 361 21.44 -5.86 19.85
C TYR A 361 22.78 -6.55 19.86
N ARG A 362 23.88 -5.76 19.82
CA ARG A 362 25.23 -6.34 19.76
C ARG A 362 25.78 -6.81 21.11
N ASP A 363 25.15 -6.43 22.23
CA ASP A 363 25.68 -6.79 23.54
C ASP A 363 24.72 -7.57 24.43
N GLU A 364 23.61 -6.94 24.82
CA GLU A 364 22.57 -7.49 25.70
C GLU A 364 21.90 -8.73 25.10
N MET A 365 21.76 -8.77 23.75
CA MET A 365 21.17 -9.89 23.00
C MET A 365 22.18 -10.94 22.59
N LEU A 366 21.77 -12.24 22.69
CA LEU A 366 22.55 -13.41 22.32
C LEU A 366 22.58 -13.51 20.80
N THR A 367 23.64 -14.14 20.25
CA THR A 367 23.83 -14.38 18.82
C THR A 367 22.65 -15.21 18.26
N THR A 368 22.57 -16.50 18.63
CA THR A 368 21.48 -17.35 18.16
C THR A 368 20.89 -18.09 19.36
N ASN A 369 19.52 -18.16 19.41
CA ASN A 369 18.66 -18.76 20.46
C ASN A 369 19.11 -20.16 20.88
N VAL A 370 19.07 -20.47 22.18
CA VAL A 370 19.50 -21.79 22.66
C VAL A 370 18.39 -22.82 22.35
N PRO A 371 18.74 -24.00 21.79
CA PRO A 371 17.70 -24.97 21.38
C PRO A 371 16.93 -25.52 22.58
N GLU A 372 15.58 -25.47 22.48
CA GLU A 372 14.60 -25.92 23.49
C GLU A 372 15.20 -26.99 24.39
N ILE A 373 15.67 -28.08 23.76
CA ILE A 373 16.27 -29.30 24.32
C ILE A 373 17.34 -29.05 25.42
N GLN A 374 18.00 -27.89 25.41
CA GLN A 374 19.01 -27.54 26.42
C GLN A 374 18.43 -26.64 27.52
N ARG A 375 17.47 -25.79 27.14
CA ARG A 375 16.78 -24.87 28.04
C ARG A 375 15.42 -25.46 28.60
N THR A 376 15.21 -26.80 28.53
CA THR A 376 14.01 -27.46 29.09
C THR A 376 14.29 -28.78 29.81
N ASN A 377 13.34 -29.18 30.70
CA ASN A 377 13.36 -30.43 31.47
C ASN A 377 13.16 -31.62 30.51
N LEU A 378 14.10 -32.56 30.52
CA LEU A 378 14.06 -33.67 29.60
C LEU A 378 13.50 -34.98 30.18
N ALA A 379 12.68 -34.91 31.27
CA ALA A 379 12.12 -36.13 31.87
C ALA A 379 11.00 -36.72 31.01
N SER A 380 10.07 -35.86 30.54
CA SER A 380 8.96 -36.20 29.63
C SER A 380 9.47 -36.63 28.25
N THR A 381 10.78 -36.50 28.03
CA THR A 381 11.47 -36.80 26.80
C THR A 381 12.16 -38.13 26.89
N VAL A 382 12.87 -38.34 28.00
CA VAL A 382 13.62 -39.57 28.34
C VAL A 382 12.61 -40.70 28.46
N LEU A 383 11.47 -40.40 29.09
CA LEU A 383 10.36 -41.32 29.28
C LEU A 383 9.85 -41.78 27.93
N SER A 384 9.67 -40.79 26.99
CA SER A 384 9.19 -41.04 25.62
C SER A 384 10.14 -42.03 24.91
N LEU A 385 11.46 -41.77 24.99
CA LEU A 385 12.45 -42.64 24.37
C LEU A 385 12.59 -43.98 25.06
N LYS A 386 13.03 -44.01 26.34
CA LYS A 386 13.20 -45.26 27.10
C LYS A 386 11.98 -46.17 26.99
N ALA A 387 10.78 -45.56 26.77
CA ALA A 387 9.53 -46.28 26.57
C ALA A 387 9.59 -47.09 25.31
N MET A 388 9.79 -46.41 24.18
CA MET A 388 9.80 -47.01 22.86
C MET A 388 11.11 -47.82 22.59
N GLY A 389 11.71 -48.33 23.65
CA GLY A 389 12.91 -49.18 23.53
C GLY A 389 14.20 -48.41 23.33
N ILE A 390 14.20 -47.09 23.35
CA ILE A 390 15.49 -46.36 23.18
C ILE A 390 16.17 -46.20 24.54
N ASN A 391 16.63 -47.28 25.16
CA ASN A 391 17.28 -47.21 26.49
C ASN A 391 18.76 -46.94 26.29
N ASP A 392 19.23 -46.97 25.05
CA ASP A 392 20.65 -46.77 24.76
C ASP A 392 21.17 -45.40 25.13
N LEU A 393 20.39 -44.37 24.77
CA LEU A 393 20.57 -42.91 25.03
C LEU A 393 21.67 -42.29 24.15
N LEU A 394 22.27 -43.04 23.22
CA LEU A 394 23.31 -42.53 22.30
C LEU A 394 22.80 -42.76 20.88
N SER A 395 22.34 -43.97 20.64
CA SER A 395 21.79 -44.34 19.33
C SER A 395 20.94 -43.25 18.62
N PHE A 396 19.98 -42.60 19.34
CA PHE A 396 19.15 -41.54 18.73
C PHE A 396 20.09 -40.40 18.44
N ASP A 397 20.37 -40.21 17.14
CA ASP A 397 21.28 -39.20 16.64
C ASP A 397 20.70 -37.82 16.90
N PHE A 398 21.11 -37.20 18.02
CA PHE A 398 20.56 -35.89 18.36
C PHE A 398 21.12 -34.79 17.49
N MET A 399 20.21 -34.14 16.72
CA MET A 399 20.51 -33.03 15.81
C MET A 399 20.91 -31.81 16.64
N ASP A 400 20.32 -31.72 17.83
CA ASP A 400 20.66 -30.73 18.81
C ASP A 400 20.97 -31.53 20.06
N ALA A 401 22.27 -31.75 20.28
CA ALA A 401 22.77 -32.54 21.38
C ALA A 401 22.30 -32.08 22.78
N PRO A 402 21.67 -33.00 23.55
CA PRO A 402 21.24 -32.61 24.90
C PRO A 402 22.39 -32.85 25.87
N PRO A 403 22.70 -31.91 26.79
CA PRO A 403 23.86 -32.13 27.70
C PRO A 403 23.66 -33.27 28.69
N MET A 404 24.58 -34.25 28.68
CA MET A 404 24.53 -35.45 29.54
C MET A 404 24.10 -35.18 31.00
N GLU A 405 24.42 -33.98 31.54
CA GLU A 405 24.08 -33.52 32.90
C GLU A 405 22.56 -33.55 33.08
N THR A 406 21.83 -32.69 32.31
CA THR A 406 20.36 -32.59 32.33
C THR A 406 19.66 -33.90 31.92
N LEU A 407 20.37 -34.78 31.20
CA LEU A 407 19.88 -36.09 30.78
C LEU A 407 19.81 -37.02 32.01
N ILE A 408 20.94 -37.19 32.73
CA ILE A 408 20.98 -37.99 33.96
C ILE A 408 20.14 -37.32 35.08
N THR A 409 19.99 -35.96 35.02
CA THR A 409 19.19 -35.16 35.96
C THR A 409 17.75 -35.67 35.82
N ALA A 410 17.27 -35.65 34.56
CA ALA A 410 15.93 -36.08 34.14
C ALA A 410 15.71 -37.57 34.40
N MET A 411 16.75 -38.40 34.18
CA MET A 411 16.74 -39.85 34.40
C MET A 411 16.38 -40.16 35.86
N GLU A 412 17.09 -39.48 36.81
CA GLU A 412 16.94 -39.56 38.26
C GLU A 412 15.52 -39.22 38.67
N GLN A 413 14.93 -38.16 38.05
CA GLN A 413 13.56 -37.70 38.30
C GLN A 413 12.51 -38.83 38.13
N LEU A 414 12.68 -39.67 37.09
CA LEU A 414 11.76 -40.77 36.78
C LEU A 414 11.88 -41.92 37.79
N TYR A 415 13.10 -42.14 38.35
CA TYR A 415 13.32 -43.17 39.37
C TYR A 415 12.44 -42.86 40.57
N THR A 416 12.45 -41.57 41.01
CA THR A 416 11.66 -41.11 42.14
C THR A 416 10.18 -41.24 41.86
N LEU A 417 9.78 -40.95 40.62
CA LEU A 417 8.37 -41.08 40.21
C LEU A 417 7.91 -42.55 40.20
N GLY A 418 8.86 -43.47 39.97
CA GLY A 418 8.60 -44.90 39.91
C GLY A 418 8.47 -45.38 38.48
N ALA A 419 9.07 -44.61 37.54
CA ALA A 419 9.08 -44.87 36.12
C ALA A 419 10.32 -45.62 35.64
N LEU A 420 11.46 -45.52 36.36
CA LEU A 420 12.68 -46.22 35.97
C LEU A 420 13.22 -47.16 37.04
N ASP A 421 13.87 -48.23 36.57
CA ASP A 421 14.47 -49.28 37.36
C ASP A 421 15.72 -48.74 38.02
N ASP A 422 16.21 -49.42 39.04
CA ASP A 422 17.42 -49.01 39.76
C ASP A 422 18.59 -48.95 38.79
N GLU A 423 18.69 -49.97 37.93
CA GLU A 423 19.72 -50.04 36.85
C GLU A 423 19.45 -48.91 35.86
N GLY A 424 18.19 -48.56 35.59
CA GLY A 424 17.83 -47.53 34.60
C GLY A 424 16.85 -48.07 33.59
N LEU A 425 16.37 -49.29 33.79
CA LEU A 425 15.40 -49.96 32.88
C LEU A 425 13.96 -49.47 33.14
N LEU A 426 13.03 -49.93 32.32
CA LEU A 426 11.62 -49.53 32.42
C LEU A 426 10.90 -50.21 33.57
N THR A 427 9.85 -49.58 34.08
CA THR A 427 9.00 -50.13 35.14
C THR A 427 7.58 -50.28 34.63
N ARG A 428 6.73 -50.96 35.43
CA ARG A 428 5.31 -51.15 35.14
C ARG A 428 4.67 -49.76 35.05
N LEU A 429 4.81 -48.93 36.12
CA LEU A 429 4.29 -47.57 36.18
C LEU A 429 4.84 -46.74 35.06
N GLY A 430 6.12 -46.97 34.74
CA GLY A 430 6.79 -46.30 33.64
C GLY A 430 6.13 -46.58 32.30
N ARG A 431 5.96 -47.88 31.98
CA ARG A 431 5.32 -48.34 30.75
C ARG A 431 3.85 -47.90 30.69
N ARG A 432 3.20 -47.83 31.86
CA ARG A 432 1.80 -47.41 32.01
C ARG A 432 1.62 -45.91 31.78
N MET A 433 2.59 -45.09 32.23
CA MET A 433 2.56 -43.64 32.05
C MET A 433 2.87 -43.31 30.59
N ALA A 434 3.78 -44.11 29.97
CA ALA A 434 4.22 -44.00 28.57
C ALA A 434 3.10 -44.01 27.53
N GLU A 435 1.90 -44.56 27.90
CA GLU A 435 0.71 -44.66 27.06
C GLU A 435 -0.04 -43.33 26.91
N PHE A 436 0.22 -42.36 27.81
CA PHE A 436 -0.41 -41.04 27.79
C PHE A 436 0.49 -39.94 27.21
N PRO A 437 -0.06 -38.96 26.43
CA PRO A 437 0.77 -37.86 25.93
C PRO A 437 0.80 -36.74 26.99
N LEU A 438 1.22 -37.10 28.21
CA LEU A 438 1.25 -36.20 29.36
C LEU A 438 2.62 -36.14 30.07
N GLU A 439 2.86 -35.02 30.80
CA GLU A 439 4.04 -34.73 31.63
C GLU A 439 4.16 -35.83 32.67
N PRO A 440 5.38 -36.26 33.07
CA PRO A 440 5.48 -37.34 34.08
C PRO A 440 4.79 -37.01 35.40
N MET A 441 4.80 -35.72 35.78
CA MET A 441 4.12 -35.25 36.99
C MET A 441 2.62 -35.57 36.91
N LEU A 442 1.97 -35.24 35.77
CA LEU A 442 0.56 -35.50 35.53
C LEU A 442 0.29 -36.99 35.36
N CYS A 443 1.19 -37.70 34.65
CA CYS A 443 1.11 -39.14 34.35
C CYS A 443 1.05 -40.00 35.59
N LYS A 444 2.04 -39.84 36.50
CA LYS A 444 2.14 -40.60 37.74
C LYS A 444 0.86 -40.51 38.50
N MET A 445 0.33 -39.29 38.71
CA MET A 445 -0.89 -39.09 39.47
C MET A 445 -2.18 -39.60 38.76
N LEU A 446 -2.21 -39.69 37.42
CA LEU A 446 -3.39 -40.26 36.74
C LEU A 446 -3.32 -41.79 36.78
N ILE A 447 -2.11 -42.39 36.57
CA ILE A 447 -1.90 -43.85 36.64
C ILE A 447 -2.12 -44.31 38.10
N MET A 448 -1.68 -43.47 39.07
CA MET A 448 -1.83 -43.71 40.51
C MET A 448 -3.25 -43.64 41.00
N SER A 449 -4.08 -42.75 40.40
CA SER A 449 -5.49 -42.60 40.78
C SER A 449 -6.30 -43.87 40.48
N VAL A 450 -5.81 -44.69 39.52
CA VAL A 450 -6.39 -45.99 39.18
C VAL A 450 -6.12 -46.91 40.40
N HIS A 451 -4.84 -46.99 40.86
CA HIS A 451 -4.41 -47.79 42.02
C HIS A 451 -5.06 -47.31 43.30
N LEU A 452 -5.36 -45.99 43.38
CA LEU A 452 -5.94 -45.28 44.54
C LEU A 452 -7.47 -45.05 44.49
N GLY A 453 -8.13 -45.54 43.43
CA GLY A 453 -9.58 -45.46 43.24
C GLY A 453 -10.19 -44.07 43.28
N CYS A 454 -9.70 -43.18 42.42
CA CYS A 454 -10.15 -41.79 42.23
C CYS A 454 -9.83 -41.36 40.81
N SER A 455 -9.84 -42.35 39.88
CA SER A 455 -9.54 -42.17 38.46
C SER A 455 -10.58 -41.31 37.74
N GLU A 456 -11.90 -41.45 38.09
CA GLU A 456 -12.96 -40.63 37.49
C GLU A 456 -12.65 -39.14 37.71
N GLU A 457 -12.29 -38.78 38.95
CA GLU A 457 -11.95 -37.42 39.35
C GLU A 457 -10.59 -37.00 38.81
N MET A 458 -9.61 -37.94 38.73
CA MET A 458 -8.27 -37.63 38.21
C MET A 458 -8.26 -37.39 36.72
N LEU A 459 -9.19 -38.01 35.98
CA LEU A 459 -9.34 -37.77 34.54
C LEU A 459 -9.85 -36.33 34.38
N THR A 460 -10.79 -35.93 35.28
CA THR A 460 -11.38 -34.59 35.32
C THR A 460 -10.27 -33.57 35.57
N ILE A 461 -9.58 -33.68 36.74
CA ILE A 461 -8.49 -32.79 37.20
C ILE A 461 -7.33 -32.67 36.17
N VAL A 462 -6.96 -33.76 35.44
CA VAL A 462 -5.88 -33.68 34.44
C VAL A 462 -6.36 -32.91 33.21
N SER A 463 -7.58 -33.19 32.77
CA SER A 463 -8.10 -32.51 31.61
C SER A 463 -8.28 -31.03 31.88
N MET A 464 -8.77 -30.71 33.08
CA MET A 464 -8.98 -29.34 33.54
C MET A 464 -7.66 -28.58 33.70
N LEU A 465 -6.58 -29.28 34.08
CA LEU A 465 -5.28 -28.62 34.22
C LEU A 465 -4.65 -28.31 32.84
N SER A 466 -5.00 -29.14 31.81
CA SER A 466 -4.52 -29.03 30.42
C SER A 466 -4.94 -27.70 29.73
N VAL A 467 -6.23 -27.27 29.94
CA VAL A 467 -6.83 -26.01 29.48
C VAL A 467 -6.39 -24.90 30.42
N GLN A 468 -6.21 -23.65 29.92
CA GLN A 468 -5.71 -22.61 30.83
C GLN A 468 -6.74 -21.52 31.19
N ASN A 469 -7.46 -20.97 30.18
CA ASN A 469 -8.42 -19.91 30.48
C ASN A 469 -9.73 -20.49 31.01
N VAL A 470 -9.70 -21.06 32.22
CA VAL A 470 -10.88 -21.70 32.80
C VAL A 470 -11.93 -20.69 33.28
N PHE A 471 -11.52 -19.69 34.07
CA PHE A 471 -12.44 -18.70 34.63
C PHE A 471 -12.49 -17.40 33.89
N TYR A 472 -13.69 -16.83 33.77
CA TYR A 472 -13.90 -15.55 33.14
C TYR A 472 -13.82 -14.45 34.23
N ARG A 473 -12.81 -13.56 34.15
CA ARG A 473 -12.55 -12.46 35.08
C ARG A 473 -12.27 -11.14 34.30
N PRO A 474 -13.31 -10.39 33.87
CA PRO A 474 -13.05 -9.17 33.09
C PRO A 474 -12.57 -8.04 33.99
N LYS A 475 -11.90 -7.02 33.40
CA LYS A 475 -11.39 -5.85 34.13
C LYS A 475 -12.55 -4.95 34.58
N ASP A 476 -13.65 -4.92 33.79
CA ASP A 476 -14.84 -4.12 34.03
C ASP A 476 -15.70 -4.65 35.20
N LYS A 477 -15.53 -5.95 35.54
CA LYS A 477 -16.25 -6.60 36.63
C LYS A 477 -15.30 -7.57 37.34
N GLN A 478 -14.15 -7.06 37.86
CA GLN A 478 -13.12 -7.87 38.58
C GLN A 478 -13.70 -8.52 39.85
N ALA A 479 -14.38 -7.71 40.71
CA ALA A 479 -15.00 -8.10 41.98
C ALA A 479 -16.07 -9.19 41.86
N LEU A 480 -17.04 -9.00 40.94
CA LEU A 480 -18.14 -9.93 40.67
C LEU A 480 -17.64 -11.33 40.24
N ALA A 481 -16.58 -11.35 39.39
CA ALA A 481 -15.94 -12.57 38.88
C ALA A 481 -15.31 -13.41 40.00
N ASP A 482 -14.75 -12.73 41.03
CA ASP A 482 -14.14 -13.34 42.19
C ASP A 482 -15.21 -14.00 43.09
N GLN A 483 -16.37 -13.30 43.29
CA GLN A 483 -17.52 -13.74 44.10
C GLN A 483 -18.21 -14.96 43.45
N LYS A 484 -18.24 -15.00 42.11
CA LYS A 484 -18.80 -16.10 41.34
C LYS A 484 -17.85 -17.30 41.37
N LYS A 485 -16.51 -17.07 41.22
CA LYS A 485 -15.45 -18.09 41.29
C LYS A 485 -15.31 -18.65 42.71
N ALA A 486 -15.67 -17.83 43.73
CA ALA A 486 -15.61 -18.20 45.15
C ALA A 486 -16.54 -19.37 45.56
N LYS A 487 -17.72 -19.48 44.93
CA LYS A 487 -18.70 -20.54 45.19
C LYS A 487 -18.14 -21.96 44.99
N PHE A 488 -17.08 -22.10 44.18
CA PHE A 488 -16.43 -23.36 43.85
C PHE A 488 -15.24 -23.73 44.74
N HIS A 489 -14.65 -22.76 45.47
CA HIS A 489 -13.46 -22.95 46.32
C HIS A 489 -13.61 -24.08 47.35
N GLN A 490 -12.73 -25.08 47.22
CA GLN A 490 -12.67 -26.24 48.09
C GLN A 490 -11.77 -25.98 49.28
N THR A 491 -12.15 -26.52 50.45
CA THR A 491 -11.39 -26.37 51.70
C THR A 491 -10.10 -27.15 51.57
N GLU A 492 -10.17 -28.09 50.63
CA GLU A 492 -9.17 -29.06 50.27
C GLU A 492 -8.02 -28.46 49.49
N GLY A 493 -8.33 -27.80 48.38
CA GLY A 493 -7.32 -27.18 47.52
C GLY A 493 -7.76 -27.00 46.07
N ASP A 494 -7.06 -26.10 45.35
CA ASP A 494 -7.28 -25.72 43.93
C ASP A 494 -7.57 -26.88 42.94
N HIS A 495 -6.93 -28.05 43.11
CA HIS A 495 -7.13 -29.22 42.25
C HIS A 495 -8.57 -29.67 42.36
N LEU A 496 -9.07 -29.79 43.60
CA LEU A 496 -10.44 -30.19 43.87
C LEU A 496 -11.43 -29.09 43.47
N THR A 497 -10.97 -27.83 43.44
CA THR A 497 -11.80 -26.69 43.01
C THR A 497 -12.11 -26.83 41.53
N LEU A 498 -11.12 -27.32 40.72
CA LEU A 498 -11.29 -27.51 39.27
C LEU A 498 -12.27 -28.61 39.04
N LEU A 499 -12.20 -29.65 39.89
CA LEU A 499 -13.10 -30.80 39.84
C LEU A 499 -14.51 -30.31 40.07
N ALA A 500 -14.70 -29.46 41.11
CA ALA A 500 -15.98 -28.84 41.51
C ALA A 500 -16.65 -28.07 40.36
N VAL A 501 -15.84 -27.37 39.53
CA VAL A 501 -16.29 -26.62 38.37
C VAL A 501 -16.79 -27.57 37.31
N TYR A 502 -15.92 -28.46 36.79
CA TYR A 502 -16.30 -29.43 35.75
C TYR A 502 -17.46 -30.36 36.16
N ASN A 503 -17.49 -30.77 37.43
CA ASN A 503 -18.55 -31.65 37.91
C ASN A 503 -19.88 -30.91 38.04
N SER A 504 -19.86 -29.61 38.44
CA SER A 504 -21.11 -28.83 38.52
C SER A 504 -21.58 -28.37 37.14
N TRP A 505 -20.69 -28.44 36.14
CA TRP A 505 -21.00 -28.13 34.76
C TRP A 505 -21.83 -29.29 34.21
N LYS A 506 -21.35 -30.55 34.40
CA LYS A 506 -22.12 -31.72 33.94
C LYS A 506 -23.43 -31.80 34.68
N ASN A 507 -23.42 -31.51 36.01
CA ASN A 507 -24.57 -31.47 36.91
C ASN A 507 -25.65 -30.59 36.29
N ASN A 508 -25.24 -29.36 35.89
CA ASN A 508 -26.10 -28.39 35.23
C ASN A 508 -26.07 -28.61 33.71
N LYS A 509 -26.12 -29.89 33.37
CA LYS A 509 -26.36 -30.37 31.97
C LYS A 509 -25.51 -29.63 30.95
N PHE A 510 -24.25 -29.33 31.21
CA PHE A 510 -23.38 -28.65 30.21
C PHE A 510 -24.06 -27.36 29.69
N SER A 511 -24.69 -26.62 30.57
CA SER A 511 -25.36 -25.37 30.21
C SER A 511 -24.43 -24.20 29.96
N ASN A 512 -24.60 -23.57 28.78
CA ASN A 512 -23.88 -22.36 28.38
C ASN A 512 -24.37 -21.18 29.24
N PRO A 513 -25.70 -20.92 29.42
CA PRO A 513 -26.11 -19.85 30.35
C PRO A 513 -25.65 -20.07 31.80
N TRP A 514 -25.30 -21.33 32.17
CA TRP A 514 -24.81 -21.65 33.51
C TRP A 514 -23.42 -21.06 33.65
N CYS A 515 -22.61 -21.18 32.58
CA CYS A 515 -21.26 -20.64 32.52
C CYS A 515 -21.28 -19.13 32.57
N TYR A 516 -22.22 -18.50 31.81
CA TYR A 516 -22.37 -17.06 31.78
C TYR A 516 -22.76 -16.52 33.19
N GLU A 517 -23.63 -17.27 33.89
CA GLU A 517 -24.12 -16.97 35.24
C GLU A 517 -22.98 -17.07 36.26
N ASN A 518 -22.16 -18.11 36.13
CA ASN A 518 -21.07 -18.44 37.05
C ASN A 518 -19.69 -17.87 36.70
N PHE A 519 -19.53 -17.18 35.56
CA PHE A 519 -18.22 -16.64 35.13
C PHE A 519 -17.16 -17.72 34.88
N ILE A 520 -17.55 -18.75 34.11
CA ILE A 520 -16.73 -19.89 33.70
C ILE A 520 -16.63 -19.83 32.18
N GLN A 521 -15.43 -20.06 31.64
CA GLN A 521 -15.23 -20.02 30.21
C GLN A 521 -15.76 -21.30 29.55
N ALA A 522 -16.98 -21.22 29.02
CA ALA A 522 -17.68 -22.30 28.36
C ALA A 522 -16.85 -22.99 27.28
N ARG A 523 -15.98 -22.24 26.58
CA ARG A 523 -15.10 -22.80 25.54
C ARG A 523 -14.01 -23.66 26.18
N SER A 524 -13.40 -23.16 27.27
CA SER A 524 -12.34 -23.82 28.01
C SER A 524 -12.79 -25.10 28.70
N LEU A 525 -14.10 -25.23 29.06
CA LEU A 525 -14.70 -26.44 29.66
C LEU A 525 -14.98 -27.43 28.55
N ARG A 526 -15.48 -26.90 27.41
CA ARG A 526 -15.81 -27.69 26.23
C ARG A 526 -14.51 -28.37 25.74
N ARG A 527 -13.39 -27.61 25.71
CA ARG A 527 -12.04 -28.06 25.34
C ARG A 527 -11.55 -29.15 26.33
N ALA A 528 -11.68 -28.89 27.65
CA ALA A 528 -11.30 -29.80 28.73
C ALA A 528 -12.12 -31.08 28.73
N GLN A 529 -13.36 -31.00 28.27
CA GLN A 529 -14.28 -32.14 28.14
C GLN A 529 -13.76 -33.13 27.07
N ASP A 530 -13.21 -32.58 25.97
CA ASP A 530 -12.66 -33.36 24.89
C ASP A 530 -11.42 -34.10 25.34
N ILE A 531 -10.43 -33.42 25.98
CA ILE A 531 -9.20 -34.05 26.50
C ILE A 531 -9.57 -35.22 27.44
N ARG A 532 -10.65 -35.04 28.24
CA ARG A 532 -11.18 -36.03 29.17
C ARG A 532 -11.72 -37.25 28.45
N LYS A 533 -12.30 -37.07 27.26
CA LYS A 533 -12.77 -38.15 26.39
C LYS A 533 -11.52 -38.82 25.81
N GLN A 534 -10.59 -38.00 25.31
CA GLN A 534 -9.33 -38.40 24.70
C GLN A 534 -8.41 -39.15 25.64
N MET A 535 -8.58 -38.93 26.95
CA MET A 535 -7.77 -39.60 27.97
C MET A 535 -8.42 -40.85 28.47
N LEU A 536 -9.76 -40.83 28.54
CA LEU A 536 -10.60 -41.96 28.97
C LEU A 536 -10.42 -43.10 27.97
N GLY A 537 -10.07 -42.73 26.73
CA GLY A 537 -9.78 -43.65 25.64
C GLY A 537 -8.57 -44.51 25.94
N ILE A 538 -7.43 -43.85 26.30
CA ILE A 538 -6.17 -44.49 26.67
C ILE A 538 -6.40 -45.28 27.94
N MET A 539 -7.17 -44.71 28.89
CA MET A 539 -7.57 -45.38 30.13
C MET A 539 -8.25 -46.74 29.82
N ASP A 540 -9.46 -46.68 29.17
CA ASP A 540 -10.31 -47.83 28.83
C ASP A 540 -9.59 -48.85 27.91
N ARG A 541 -8.70 -48.36 27.03
CA ARG A 541 -7.93 -49.19 26.11
C ARG A 541 -6.91 -50.04 26.83
N HIS A 542 -6.16 -49.48 27.81
CA HIS A 542 -5.13 -50.23 28.51
C HIS A 542 -5.59 -50.76 29.87
N LYS A 543 -6.90 -51.11 29.94
CA LYS A 543 -7.63 -51.71 31.05
C LYS A 543 -7.52 -50.97 32.40
N LEU A 544 -7.09 -49.69 32.39
CA LEU A 544 -7.03 -48.87 33.62
C LEU A 544 -8.47 -48.57 34.02
N ASP A 545 -8.94 -49.10 35.17
CA ASP A 545 -10.32 -48.89 35.60
C ASP A 545 -10.59 -47.42 35.90
N VAL A 546 -11.77 -46.90 35.50
CA VAL A 546 -12.16 -45.49 35.71
C VAL A 546 -13.17 -45.45 36.88
N VAL A 547 -12.70 -45.14 38.10
CA VAL A 547 -13.59 -45.15 39.26
C VAL A 547 -13.55 -43.87 40.11
N SER A 548 -14.72 -43.58 40.72
CA SER A 548 -14.98 -42.44 41.57
C SER A 548 -14.48 -42.72 42.98
N CYS A 549 -14.48 -41.66 43.80
CA CYS A 549 -14.11 -41.67 45.21
C CYS A 549 -15.21 -40.97 45.99
N GLY A 550 -16.26 -40.52 45.28
CA GLY A 550 -17.42 -39.84 45.85
C GLY A 550 -17.04 -38.78 46.85
N LYS A 551 -17.49 -38.92 48.10
CA LYS A 551 -17.21 -37.99 49.19
C LYS A 551 -15.78 -38.09 49.78
N SER A 552 -15.04 -39.18 49.46
CA SER A 552 -13.68 -39.47 49.96
C SER A 552 -12.61 -38.82 49.10
N THR A 553 -12.66 -37.48 49.03
CA THR A 553 -11.77 -36.59 48.28
C THR A 553 -10.29 -36.66 48.73
N VAL A 554 -10.04 -37.20 49.95
CA VAL A 554 -8.68 -37.36 50.46
C VAL A 554 -7.91 -38.38 49.59
N ARG A 555 -8.64 -39.25 48.84
CA ARG A 555 -8.08 -40.22 47.89
C ARG A 555 -7.39 -39.44 46.74
N VAL A 556 -8.06 -38.35 46.27
CA VAL A 556 -7.57 -37.46 45.21
C VAL A 556 -6.28 -36.78 45.70
N GLN A 557 -6.33 -36.16 46.91
CA GLN A 557 -5.19 -35.47 47.52
C GLN A 557 -3.96 -36.37 47.46
N LYS A 558 -4.06 -37.57 48.07
CA LYS A 558 -2.99 -38.57 48.12
C LYS A 558 -2.42 -38.88 46.73
N ALA A 559 -3.31 -39.10 45.74
CA ALA A 559 -2.90 -39.39 44.36
C ALA A 559 -2.20 -38.22 43.71
N ILE A 560 -2.68 -36.97 43.92
CA ILE A 560 -2.01 -35.78 43.35
C ILE A 560 -0.58 -35.71 43.89
N CYS A 561 -0.45 -35.91 45.21
CA CYS A 561 0.82 -35.91 45.94
C CYS A 561 1.80 -36.94 45.38
N SER A 562 1.27 -38.09 44.90
CA SER A 562 2.07 -39.19 44.35
C SER A 562 2.86 -38.78 43.12
N GLY A 563 2.32 -37.84 42.36
CA GLY A 563 2.97 -37.34 41.15
C GLY A 563 3.71 -36.02 41.32
N PHE A 564 3.24 -35.17 42.24
CA PHE A 564 3.79 -33.84 42.46
C PHE A 564 4.54 -33.67 43.77
N PHE A 565 5.17 -34.76 44.24
CA PHE A 565 5.95 -34.71 45.49
C PHE A 565 7.15 -33.82 45.36
N ARG A 566 7.70 -33.66 44.14
CA ARG A 566 8.85 -32.80 43.87
C ARG A 566 8.44 -31.37 44.18
N ASN A 567 7.15 -31.05 43.93
CA ASN A 567 6.52 -29.75 44.15
C ASN A 567 5.97 -29.52 45.56
N ALA A 568 6.47 -30.25 46.57
CA ALA A 568 6.02 -30.02 47.94
C ALA A 568 6.62 -28.72 48.47
N ALA A 569 5.81 -27.98 49.27
CA ALA A 569 6.13 -26.69 49.90
C ALA A 569 5.58 -26.63 51.34
N LYS A 570 6.20 -25.86 52.24
CA LYS A 570 5.72 -25.71 53.61
C LYS A 570 5.68 -24.24 54.03
N LYS A 571 4.58 -23.86 54.73
CA LYS A 571 4.29 -22.52 55.24
C LYS A 571 5.39 -22.01 56.16
N ASP A 572 6.08 -20.93 55.71
CA ASP A 572 7.10 -20.24 56.50
C ASP A 572 6.36 -19.23 57.39
N PRO A 573 6.48 -19.35 58.72
CA PRO A 573 5.75 -18.44 59.60
C PRO A 573 6.14 -16.97 59.49
N GLN A 574 7.27 -16.67 58.81
CA GLN A 574 7.73 -15.29 58.61
C GLN A 574 7.01 -14.66 57.38
N GLU A 575 7.04 -15.36 56.22
CA GLU A 575 6.44 -14.90 54.96
C GLU A 575 6.42 -16.05 53.95
N GLY A 576 5.24 -16.29 53.35
CA GLY A 576 4.98 -17.29 52.32
C GLY A 576 5.25 -18.75 52.65
N TYR A 577 5.91 -19.46 51.71
CA TYR A 577 6.24 -20.89 51.81
C TYR A 577 7.70 -21.16 51.41
N ARG A 578 8.18 -22.40 51.68
CA ARG A 578 9.52 -22.88 51.32
C ARG A 578 9.47 -24.25 50.69
N THR A 579 10.13 -24.42 49.51
CA THR A 579 10.20 -25.68 48.73
C THR A 579 10.79 -26.84 49.54
N LEU A 580 10.25 -28.02 49.35
CA LEU A 580 10.84 -29.20 50.03
C LEU A 580 12.25 -29.38 49.49
N ILE A 581 12.47 -29.16 48.19
CA ILE A 581 13.82 -29.40 47.61
C ILE A 581 14.69 -28.14 47.59
N ASP A 582 14.32 -27.10 46.86
CA ASP A 582 15.16 -25.91 46.78
C ASP A 582 15.35 -25.14 48.07
N GLN A 583 14.27 -25.02 48.80
CA GLN A 583 14.20 -24.27 50.08
C GLN A 583 14.18 -22.75 49.77
N GLN A 584 13.73 -22.48 48.55
CA GLN A 584 13.59 -21.10 48.01
C GLN A 584 12.16 -20.67 48.30
N VAL A 585 11.96 -19.48 48.85
CA VAL A 585 10.60 -19.03 49.24
C VAL A 585 9.72 -18.95 47.99
N VAL A 586 8.55 -19.55 48.04
CA VAL A 586 7.57 -19.54 46.90
C VAL A 586 6.22 -19.14 47.51
N TYR A 587 5.41 -18.34 46.83
CA TYR A 587 4.12 -17.93 47.45
C TYR A 587 2.85 -18.36 46.67
N ILE A 588 1.76 -18.80 47.40
CA ILE A 588 0.40 -19.18 46.90
C ILE A 588 -0.13 -17.99 46.05
N HIS A 589 -0.59 -18.24 44.81
CA HIS A 589 -1.04 -17.17 43.90
C HIS A 589 -2.30 -16.42 44.40
N PRO A 590 -2.37 -15.07 44.19
CA PRO A 590 -3.57 -14.31 44.58
C PRO A 590 -4.94 -14.89 44.21
N SER A 591 -5.00 -15.77 43.19
CA SER A 591 -6.26 -16.38 42.75
C SER A 591 -6.69 -17.61 43.53
N SER A 592 -5.71 -18.42 44.00
CA SER A 592 -5.85 -19.73 44.67
C SER A 592 -7.07 -19.92 45.56
N ALA A 593 -7.74 -21.09 45.44
CA ALA A 593 -8.91 -21.51 46.23
C ALA A 593 -8.54 -21.60 47.74
N LEU A 594 -7.19 -21.52 48.02
CA LEU A 594 -6.48 -21.62 49.28
C LEU A 594 -5.81 -20.34 49.64
N PHE A 595 -5.70 -19.36 48.71
CA PHE A 595 -5.00 -18.09 48.93
C PHE A 595 -5.23 -17.42 50.29
N ASN A 596 -6.40 -17.65 50.92
CA ASN A 596 -6.70 -17.10 52.24
C ASN A 596 -6.86 -18.22 53.28
N ARG A 597 -7.03 -19.43 52.81
CA ARG A 597 -7.22 -20.61 53.69
C ARG A 597 -5.88 -21.35 53.75
N GLN A 598 -4.80 -20.61 53.58
CA GLN A 598 -3.43 -21.19 53.45
C GLN A 598 -3.15 -22.14 54.61
N PRO A 599 -2.69 -23.35 54.28
CA PRO A 599 -2.32 -24.41 55.24
C PRO A 599 -0.81 -24.63 55.42
N GLU A 600 -0.43 -25.55 56.34
CA GLU A 600 0.98 -25.85 56.63
C GLU A 600 1.70 -26.50 55.46
N TRP A 601 1.16 -27.59 54.90
CA TRP A 601 1.80 -28.33 53.79
C TRP A 601 0.94 -28.41 52.51
N VAL A 602 1.57 -28.11 51.35
CA VAL A 602 0.95 -28.10 50.03
C VAL A 602 1.83 -28.67 48.92
N VAL A 603 1.20 -28.98 47.77
CA VAL A 603 1.83 -29.38 46.51
C VAL A 603 1.27 -28.47 45.43
N TYR A 604 2.16 -27.82 44.67
CA TYR A 604 1.76 -26.91 43.61
C TYR A 604 1.84 -27.61 42.27
N HIS A 605 1.14 -27.07 41.28
CA HIS A 605 1.20 -27.67 39.97
C HIS A 605 2.35 -27.05 39.18
N GLU A 606 2.23 -25.75 38.83
CA GLU A 606 3.24 -24.98 38.11
C GLU A 606 3.77 -23.84 38.97
N LEU A 607 4.68 -23.01 38.41
CA LEU A 607 5.24 -21.86 39.14
C LEU A 607 5.33 -20.65 38.25
N VAL A 608 4.35 -19.73 38.37
CA VAL A 608 4.33 -18.50 37.58
C VAL A 608 5.22 -17.46 38.25
N LEU A 609 6.21 -16.94 37.51
CA LEU A 609 7.11 -15.90 38.00
C LEU A 609 6.68 -14.58 37.44
N THR A 610 6.20 -13.70 38.34
CA THR A 610 5.73 -12.35 38.01
C THR A 610 6.37 -11.40 39.02
N THR A 611 5.53 -10.69 39.80
CA THR A 611 5.92 -9.81 40.89
C THR A 611 6.69 -10.69 41.91
N LYS A 612 6.08 -11.85 42.27
CA LYS A 612 6.60 -12.88 43.17
C LYS A 612 6.68 -14.20 42.39
N GLU A 613 7.33 -15.21 43.00
CA GLU A 613 7.44 -16.56 42.42
C GLU A 613 6.20 -17.34 42.87
N TYR A 614 5.03 -17.02 42.25
CA TYR A 614 3.71 -17.60 42.59
C TYR A 614 3.54 -19.06 42.20
N MET A 615 3.00 -19.88 43.14
CA MET A 615 2.68 -21.30 42.95
C MET A 615 1.34 -21.35 42.26
N ARG A 616 1.27 -22.05 41.11
CA ARG A 616 0.08 -22.25 40.26
C ARG A 616 -0.68 -23.57 40.61
N GLU A 617 -1.99 -23.48 40.89
CA GLU A 617 -2.89 -24.58 41.23
C GLU A 617 -2.37 -25.45 42.38
N VAL A 618 -2.46 -24.91 43.62
CA VAL A 618 -2.01 -25.52 44.89
C VAL A 618 -3.09 -26.39 45.57
N THR A 619 -2.68 -27.52 46.22
CA THR A 619 -3.58 -28.42 46.98
C THR A 619 -2.92 -28.83 48.30
N THR A 620 -3.70 -28.91 49.41
CA THR A 620 -3.20 -29.28 50.76
C THR A 620 -2.80 -30.76 50.84
N ILE A 621 -1.67 -31.06 51.49
CA ILE A 621 -1.19 -32.43 51.69
C ILE A 621 -0.78 -32.64 53.11
N ASP A 622 -0.74 -33.91 53.53
CA ASP A 622 -0.23 -34.27 54.85
C ASP A 622 1.20 -34.74 54.62
N PRO A 623 2.19 -34.09 55.27
CA PRO A 623 3.60 -34.45 55.05
C PRO A 623 3.91 -35.94 55.14
N ARG A 624 3.07 -36.70 55.83
CA ARG A 624 3.19 -38.13 56.02
C ARG A 624 3.06 -38.91 54.67
N TRP A 625 2.90 -38.18 53.57
CA TRP A 625 2.73 -38.77 52.25
C TRP A 625 4.01 -38.71 51.43
N LEU A 626 4.90 -37.78 51.78
CA LEU A 626 6.19 -37.56 51.13
C LEU A 626 7.17 -38.70 51.43
N VAL A 627 6.61 -39.82 51.93
CA VAL A 627 7.29 -41.06 52.27
C VAL A 627 6.44 -42.26 51.83
N GLU A 628 5.10 -42.12 51.93
CA GLU A 628 4.15 -43.16 51.51
C GLU A 628 4.23 -43.31 49.99
N PHE A 629 4.44 -42.16 49.29
CA PHE A 629 4.48 -42.08 47.83
C PHE A 629 5.86 -41.80 47.26
N ALA A 630 6.72 -41.11 48.02
CA ALA A 630 8.08 -40.80 47.55
C ALA A 630 9.17 -41.39 48.43
N PRO A 631 9.32 -42.74 48.56
CA PRO A 631 10.38 -43.28 49.42
C PRO A 631 11.76 -43.09 48.81
N ALA A 632 11.79 -42.78 47.49
CA ALA A 632 13.00 -42.52 46.73
C ALA A 632 13.53 -41.11 47.03
N PHE A 633 13.19 -40.62 48.22
CA PHE A 633 13.59 -39.33 48.75
C PHE A 633 14.25 -39.49 50.11
N PHE A 634 13.97 -40.59 50.81
N TYR C 21 -21.42 9.43 -2.74
CA TYR C 21 -22.80 8.93 -2.78
C TYR C 21 -23.59 9.17 -1.49
N LYS C 22 -22.88 9.24 -0.33
CA LYS C 22 -23.45 9.51 0.99
C LYS C 22 -23.94 10.99 1.09
N LEU C 23 -23.45 11.84 0.18
CA LEU C 23 -23.80 13.25 0.06
C LEU C 23 -24.35 13.55 -1.34
N LYS C 24 -24.80 12.50 -2.07
CA LYS C 24 -25.38 12.60 -3.41
C LYS C 24 -26.76 13.29 -3.33
N GLU C 25 -27.66 12.80 -2.43
CA GLU C 25 -29.01 13.32 -2.23
C GLU C 25 -29.03 14.83 -1.90
N GLN C 26 -28.03 15.31 -1.12
CA GLN C 26 -27.89 16.70 -0.72
C GLN C 26 -27.63 17.59 -1.95
N LEU C 27 -26.67 17.18 -2.81
CA LEU C 27 -26.24 17.87 -4.02
C LEU C 27 -27.38 18.13 -4.99
N VAL C 28 -28.12 17.08 -5.42
CA VAL C 28 -29.24 17.13 -6.36
C VAL C 28 -30.43 17.93 -5.84
N GLN C 29 -30.64 17.92 -4.50
CA GLN C 29 -31.71 18.69 -3.88
C GLN C 29 -31.31 20.17 -3.94
N ALA C 30 -30.12 20.52 -3.37
CA ALA C 30 -29.54 21.87 -3.36
C ALA C 30 -29.37 22.45 -4.76
N VAL C 31 -29.09 21.59 -5.77
CA VAL C 31 -28.94 21.98 -7.18
C VAL C 31 -30.30 22.35 -7.78
N HIS C 32 -31.38 21.68 -7.32
CA HIS C 32 -32.72 21.98 -7.81
C HIS C 32 -33.27 23.22 -7.15
N ASP C 33 -32.98 23.39 -5.83
CA ASP C 33 -33.39 24.50 -4.97
C ASP C 33 -32.73 25.84 -5.38
N ASN C 34 -31.38 25.84 -5.52
CA ASN C 34 -30.59 27.02 -5.84
C ASN C 34 -30.17 27.09 -7.31
N GLN C 35 -30.23 28.29 -7.90
CA GLN C 35 -29.86 28.52 -9.30
C GLN C 35 -28.34 28.44 -9.43
N ILE C 36 -27.63 29.23 -8.59
CA ILE C 36 -26.18 29.26 -8.54
C ILE C 36 -25.75 28.58 -7.25
N LEU C 37 -24.83 27.62 -7.36
CA LEU C 37 -24.35 26.89 -6.21
C LEU C 37 -22.81 26.79 -6.24
N ILE C 38 -22.13 27.42 -5.24
CA ILE C 38 -20.67 27.42 -5.10
C ILE C 38 -20.23 26.25 -4.20
N VAL C 39 -19.52 25.27 -4.77
CA VAL C 39 -19.04 24.11 -4.03
C VAL C 39 -17.64 24.35 -3.51
N ILE C 40 -17.32 23.72 -2.36
CA ILE C 40 -16.00 23.67 -1.73
C ILE C 40 -15.79 22.17 -1.49
N GLY C 41 -14.72 21.61 -2.05
CA GLY C 41 -14.42 20.19 -1.90
C GLY C 41 -13.07 19.75 -2.41
N GLU C 42 -12.73 18.48 -2.11
CA GLU C 42 -11.48 17.85 -2.52
C GLU C 42 -11.42 17.72 -4.04
N THR C 43 -10.24 17.97 -4.64
CA THR C 43 -10.05 17.84 -6.09
C THR C 43 -9.93 16.33 -6.39
N GLY C 44 -10.86 15.83 -7.20
CA GLY C 44 -10.96 14.42 -7.59
C GLY C 44 -11.96 13.65 -6.76
N SER C 45 -12.90 14.36 -6.10
CA SER C 45 -13.95 13.80 -5.26
C SER C 45 -15.28 13.69 -6.01
N GLY C 46 -15.33 12.71 -6.95
CA GLY C 46 -16.47 12.42 -7.82
C GLY C 46 -17.19 13.66 -8.33
N LYS C 47 -16.40 14.67 -8.70
CA LYS C 47 -16.88 15.97 -9.14
C LYS C 47 -17.39 15.93 -10.57
N THR C 48 -16.50 16.01 -11.56
CA THR C 48 -16.86 15.97 -12.97
C THR C 48 -17.27 14.58 -13.46
N THR C 49 -16.64 13.51 -12.89
CA THR C 49 -16.84 12.10 -13.25
C THR C 49 -18.06 11.43 -12.57
N GLN C 50 -18.54 11.97 -11.41
CA GLN C 50 -19.68 11.37 -10.69
C GLN C 50 -20.78 12.36 -10.21
N ILE C 51 -20.49 13.68 -10.14
CA ILE C 51 -21.54 14.65 -9.76
C ILE C 51 -22.40 14.93 -11.01
N THR C 52 -21.80 14.98 -12.21
CA THR C 52 -22.47 15.19 -13.51
C THR C 52 -23.55 14.12 -13.82
N GLN C 53 -23.29 12.83 -13.47
CA GLN C 53 -24.24 11.74 -13.69
C GLN C 53 -25.42 11.81 -12.74
N TYR C 54 -25.26 12.45 -11.55
CA TYR C 54 -26.35 12.63 -10.59
C TYR C 54 -27.42 13.55 -11.17
N LEU C 55 -26.97 14.65 -11.83
CA LEU C 55 -27.78 15.67 -12.52
C LEU C 55 -28.29 15.13 -13.87
N ALA C 56 -27.70 14.02 -14.32
CA ALA C 56 -28.13 13.32 -15.50
C ALA C 56 -29.27 12.39 -15.04
N GLU C 57 -29.12 11.75 -13.85
CA GLU C 57 -30.13 10.88 -13.20
C GLU C 57 -31.36 11.70 -12.79
N ALA C 58 -31.17 13.01 -12.51
CA ALA C 58 -32.22 13.97 -12.11
C ALA C 58 -32.95 14.60 -13.34
N GLY C 59 -32.63 14.09 -14.53
CA GLY C 59 -33.23 14.46 -15.81
C GLY C 59 -33.06 15.89 -16.28
N TYR C 60 -31.84 16.43 -16.16
CA TYR C 60 -31.58 17.78 -16.64
C TYR C 60 -31.19 17.75 -18.12
N THR C 61 -30.81 16.57 -18.63
CA THR C 61 -30.42 16.32 -20.02
C THR C 61 -31.61 16.51 -20.97
N SER C 62 -32.83 16.36 -20.42
CA SER C 62 -34.10 16.55 -21.12
C SER C 62 -34.35 18.04 -21.39
N ARG C 63 -33.95 18.91 -20.43
CA ARG C 63 -34.09 20.37 -20.49
C ARG C 63 -33.06 21.04 -21.42
N GLY C 64 -31.94 20.35 -21.63
CA GLY C 64 -30.84 20.81 -22.48
C GLY C 64 -29.53 20.14 -22.13
N LYS C 65 -28.40 20.72 -22.56
CA LYS C 65 -27.07 20.17 -22.31
C LYS C 65 -26.55 20.51 -20.90
N ILE C 66 -25.64 19.66 -20.37
CA ILE C 66 -25.05 19.82 -19.03
C ILE C 66 -23.52 19.99 -19.17
N GLY C 67 -23.14 21.14 -19.74
CA GLY C 67 -21.76 21.50 -19.99
C GLY C 67 -20.88 21.63 -18.76
N CYS C 68 -19.60 21.23 -18.89
CA CYS C 68 -18.61 21.29 -17.83
C CYS C 68 -17.32 21.91 -18.32
N THR C 69 -16.64 22.69 -17.47
CA THR C 69 -15.36 23.26 -17.86
C THR C 69 -14.22 22.59 -17.12
N GLN C 70 -13.05 22.55 -17.77
CA GLN C 70 -11.80 21.96 -17.25
C GLN C 70 -10.60 22.89 -17.55
N PRO C 71 -9.45 22.79 -16.82
CA PRO C 71 -8.31 23.71 -17.10
C PRO C 71 -7.13 23.14 -17.93
N ARG C 72 -7.36 22.01 -18.62
CA ARG C 72 -6.40 21.29 -19.48
C ARG C 72 -7.20 20.39 -20.45
N ARG C 73 -6.55 19.89 -21.53
CA ARG C 73 -7.16 19.03 -22.56
C ARG C 73 -7.64 17.68 -22.02
N VAL C 74 -6.74 16.92 -21.35
CA VAL C 74 -7.04 15.61 -20.79
C VAL C 74 -7.92 15.74 -19.54
N ALA C 75 -7.95 16.94 -18.94
CA ALA C 75 -8.78 17.27 -17.78
C ALA C 75 -10.25 17.26 -18.20
N ALA C 76 -10.51 17.18 -19.52
CA ALA C 76 -11.84 17.13 -20.14
C ALA C 76 -12.02 15.85 -20.99
N MET C 77 -10.99 15.48 -21.80
CA MET C 77 -10.96 14.29 -22.68
C MET C 77 -11.19 12.94 -21.95
N SER C 78 -10.29 12.56 -21.01
CA SER C 78 -10.43 11.31 -20.25
C SER C 78 -11.46 11.45 -19.10
N VAL C 79 -12.17 12.62 -19.05
CA VAL C 79 -13.28 12.94 -18.13
C VAL C 79 -14.61 12.64 -18.85
N ALA C 80 -14.70 12.99 -20.18
CA ALA C 80 -15.84 12.73 -21.08
C ALA C 80 -15.79 11.27 -21.56
N LYS C 81 -14.58 10.70 -21.68
CA LYS C 81 -14.38 9.30 -22.03
C LYS C 81 -14.79 8.45 -20.84
N ARG C 82 -14.53 8.94 -19.60
CA ARG C 82 -14.88 8.28 -18.32
C ARG C 82 -16.40 8.20 -18.10
N VAL C 83 -17.10 9.35 -18.21
CA VAL C 83 -18.54 9.50 -18.03
C VAL C 83 -19.32 8.67 -19.07
N SER C 84 -18.91 8.69 -20.37
CA SER C 84 -19.54 7.91 -21.44
C SER C 84 -19.48 6.40 -21.13
N GLU C 85 -18.38 5.95 -20.49
CA GLU C 85 -18.19 4.57 -20.07
C GLU C 85 -19.20 4.22 -18.97
N GLU C 86 -19.34 5.10 -17.96
CA GLU C 86 -20.26 4.96 -16.83
C GLU C 86 -21.72 5.02 -17.32
N PHE C 87 -22.03 6.00 -18.20
CA PHE C 87 -23.33 6.28 -18.80
C PHE C 87 -23.77 5.22 -19.79
N GLY C 88 -22.81 4.43 -20.31
CA GLY C 88 -23.05 3.34 -21.25
C GLY C 88 -23.00 3.72 -22.71
N CYS C 89 -23.43 4.96 -23.04
CA CYS C 89 -23.47 5.52 -24.38
C CYS C 89 -22.09 5.57 -25.06
N CYS C 90 -22.10 5.68 -26.39
CA CYS C 90 -20.89 5.78 -27.20
C CYS C 90 -20.24 7.16 -27.00
N LEU C 91 -18.89 7.25 -27.12
CA LEU C 91 -18.23 8.53 -26.95
C LEU C 91 -18.41 9.39 -28.19
N GLY C 92 -18.67 10.67 -27.95
CA GLY C 92 -18.95 11.66 -28.98
C GLY C 92 -20.45 11.87 -29.14
N GLN C 93 -21.23 10.83 -28.79
CA GLN C 93 -22.69 10.79 -28.90
C GLN C 93 -23.34 11.63 -27.81
N GLU C 94 -24.05 10.99 -26.84
CA GLU C 94 -24.70 11.67 -25.72
C GLU C 94 -23.66 12.38 -24.85
N VAL C 95 -22.48 11.78 -24.67
CA VAL C 95 -21.39 12.42 -23.92
C VAL C 95 -20.23 12.67 -24.90
N GLY C 96 -19.86 13.94 -25.08
CA GLY C 96 -18.78 14.36 -25.96
C GLY C 96 -18.01 15.60 -25.51
N TYR C 97 -16.67 15.61 -25.74
CA TYR C 97 -15.73 16.70 -25.38
C TYR C 97 -15.46 17.71 -26.52
N THR C 98 -15.08 18.94 -26.14
CA THR C 98 -14.80 20.06 -27.06
C THR C 98 -13.67 20.96 -26.51
N ILE C 99 -12.44 20.80 -27.01
CA ILE C 99 -11.28 21.65 -26.62
C ILE C 99 -10.53 22.11 -27.89
N ARG C 100 -10.04 23.40 -27.89
CA ARG C 100 -9.30 24.08 -28.97
C ARG C 100 -8.71 23.11 -30.00
N PHE C 101 -9.45 22.94 -31.12
CA PHE C 101 -9.20 22.12 -32.31
C PHE C 101 -9.59 20.66 -32.12
N GLU C 102 -10.82 20.41 -31.59
CA GLU C 102 -11.39 19.07 -31.37
C GLU C 102 -12.87 19.10 -30.90
N ASP C 103 -13.81 19.01 -31.86
CA ASP C 103 -15.24 18.91 -31.51
C ASP C 103 -15.66 17.48 -31.69
N CYS C 104 -15.46 16.72 -30.62
CA CYS C 104 -15.75 15.31 -30.54
C CYS C 104 -17.17 15.13 -30.01
N THR C 105 -18.15 15.76 -30.70
CA THR C 105 -19.56 15.71 -30.34
C THR C 105 -20.44 15.35 -31.53
N SER C 106 -21.73 15.24 -31.26
CA SER C 106 -22.77 14.94 -32.21
C SER C 106 -24.04 15.74 -31.82
N PRO C 107 -25.11 15.80 -32.66
CA PRO C 107 -26.32 16.54 -32.23
C PRO C 107 -27.00 15.88 -31.02
N GLU C 108 -26.74 14.57 -30.84
CA GLU C 108 -27.19 13.74 -29.74
C GLU C 108 -26.50 14.08 -28.40
N THR C 109 -25.45 14.98 -28.41
CA THR C 109 -24.73 15.41 -27.19
C THR C 109 -25.69 16.06 -26.21
N VAL C 110 -25.61 15.57 -24.97
CA VAL C 110 -26.46 15.94 -23.87
C VAL C 110 -25.60 16.32 -22.63
N ILE C 111 -24.34 15.83 -22.56
CA ILE C 111 -23.39 16.14 -21.48
C ILE C 111 -22.02 16.45 -22.12
N LYS C 112 -21.65 17.75 -22.20
CA LYS C 112 -20.38 18.29 -22.76
C LYS C 112 -19.28 18.58 -21.71
N TYR C 113 -18.00 18.38 -22.07
CA TYR C 113 -16.84 18.58 -21.20
C TYR C 113 -15.76 19.37 -21.94
N MET C 114 -15.77 20.71 -21.79
CA MET C 114 -14.85 21.61 -22.50
C MET C 114 -13.91 22.41 -21.58
N THR C 115 -13.29 23.47 -22.13
CA THR C 115 -12.33 24.37 -21.46
C THR C 115 -13.02 25.68 -21.07
N ASP C 116 -12.41 26.47 -20.13
CA ASP C 116 -12.98 27.78 -19.75
C ASP C 116 -12.94 28.72 -20.96
N GLY C 117 -11.81 28.71 -21.67
CA GLY C 117 -11.64 29.49 -22.90
C GLY C 117 -12.65 29.11 -23.97
N MET C 118 -12.93 27.81 -24.08
CA MET C 118 -13.91 27.25 -25.02
C MET C 118 -15.33 27.67 -24.65
N LEU C 119 -15.75 27.48 -23.37
CA LEU C 119 -17.09 27.84 -22.87
C LEU C 119 -17.36 29.33 -23.02
N LEU C 120 -16.29 30.15 -22.96
CA LEU C 120 -16.36 31.60 -23.13
C LEU C 120 -16.64 31.93 -24.60
N ARG C 121 -15.97 31.20 -25.55
CA ARG C 121 -16.14 31.33 -27.00
C ARG C 121 -17.49 30.75 -27.44
N GLU C 122 -18.08 29.89 -26.59
CA GLU C 122 -19.41 29.31 -26.78
C GLU C 122 -20.39 30.44 -26.44
N CYS C 123 -20.04 31.19 -25.36
CA CYS C 123 -20.75 32.33 -24.79
C CYS C 123 -20.48 33.64 -25.56
N LEU C 124 -19.58 33.62 -26.55
CA LEU C 124 -19.27 34.78 -27.39
C LEU C 124 -20.20 34.79 -28.60
N ILE C 125 -20.66 33.60 -29.03
CA ILE C 125 -21.60 33.42 -30.15
C ILE C 125 -23.01 33.60 -29.54
N ASP C 126 -23.38 32.70 -28.59
CA ASP C 126 -24.66 32.75 -27.89
C ASP C 126 -24.40 33.12 -26.42
N PRO C 127 -24.60 34.42 -26.08
CA PRO C 127 -24.33 34.88 -24.70
C PRO C 127 -25.39 34.47 -23.67
N ASP C 128 -26.40 33.72 -24.14
CA ASP C 128 -27.50 33.17 -23.35
C ASP C 128 -27.31 31.67 -23.12
N LEU C 129 -26.24 31.08 -23.72
CA LEU C 129 -25.86 29.66 -23.64
C LEU C 129 -27.06 28.73 -23.66
N THR C 130 -28.01 29.04 -24.57
CA THR C 130 -29.29 28.34 -24.79
C THR C 130 -29.08 26.83 -25.08
N GLN C 131 -27.86 26.45 -25.58
CA GLN C 131 -27.47 25.07 -25.86
C GLN C 131 -27.50 24.24 -24.56
N TYR C 132 -27.11 24.86 -23.43
CA TYR C 132 -27.00 24.27 -22.10
C TYR C 132 -28.15 24.63 -21.17
N ALA C 133 -28.28 23.88 -20.07
CA ALA C 133 -29.26 24.05 -19.00
C ALA C 133 -28.48 24.09 -17.68
N ILE C 134 -27.45 23.25 -17.60
CA ILE C 134 -26.56 23.17 -16.46
C ILE C 134 -25.16 23.55 -16.96
N ILE C 135 -24.41 24.36 -16.17
CA ILE C 135 -23.06 24.82 -16.50
C ILE C 135 -22.14 24.61 -15.28
N MET C 136 -21.34 23.53 -15.32
CA MET C 136 -20.35 23.17 -14.29
C MET C 136 -19.08 23.90 -14.61
N LEU C 137 -18.54 24.65 -13.64
CA LEU C 137 -17.32 25.44 -13.84
C LEU C 137 -16.26 25.15 -12.78
N ASP C 138 -15.20 24.44 -13.18
CA ASP C 138 -14.09 24.04 -12.31
C ASP C 138 -13.16 25.21 -11.94
N GLU C 139 -12.63 25.14 -10.72
CA GLU C 139 -11.67 26.05 -10.11
C GLU C 139 -11.09 25.28 -8.90
N ALA C 140 -9.84 24.76 -9.05
CA ALA C 140 -9.15 23.98 -8.03
CA HIS C 141 -8.57 26.83 -13.39
C HIS C 141 -8.25 27.66 -12.12
N GLU C 142 -7.96 28.97 -12.31
CA GLU C 142 -7.66 29.96 -11.25
C GLU C 142 -8.23 31.33 -11.67
N ARG C 143 -7.65 32.47 -11.21
CA ARG C 143 -8.15 33.79 -11.63
C ARG C 143 -7.41 34.27 -12.90
N THR C 144 -7.69 33.52 -14.00
CA THR C 144 -7.24 33.72 -15.38
C THR C 144 -8.23 34.69 -16.02
N ILE C 145 -7.84 35.36 -17.12
CA ILE C 145 -8.70 36.35 -17.78
C ILE C 145 -9.96 35.70 -18.37
N HIS C 146 -9.80 34.54 -19.05
CA HIS C 146 -10.88 33.76 -19.66
C HIS C 146 -11.94 33.47 -18.62
N THR C 147 -11.51 32.97 -17.43
CA THR C 147 -12.36 32.66 -16.28
C THR C 147 -13.00 33.96 -15.75
N ASP C 148 -12.19 35.04 -15.61
CA ASP C 148 -12.66 36.38 -15.17
C ASP C 148 -13.79 36.87 -16.10
N VAL C 149 -13.57 36.75 -17.43
CA VAL C 149 -14.50 37.12 -18.51
C VAL C 149 -15.76 36.24 -18.47
N LEU C 150 -15.57 34.91 -18.48
CA LEU C 150 -16.64 33.94 -18.42
C LEU C 150 -17.53 34.16 -17.19
N PHE C 151 -16.94 34.47 -15.99
CA PHE C 151 -17.66 34.74 -14.73
C PHE C 151 -18.59 35.94 -14.86
N GLY C 152 -18.17 36.92 -15.65
CA GLY C 152 -18.95 38.11 -15.96
C GLY C 152 -20.17 37.81 -16.79
N LEU C 153 -19.95 37.22 -17.98
CA LEU C 153 -20.98 36.82 -18.95
C LEU C 153 -22.04 35.91 -18.31
N LEU C 154 -21.60 34.98 -17.45
CA LEU C 154 -22.46 34.03 -16.73
C LEU C 154 -23.39 34.69 -15.70
N LYS C 155 -22.90 35.69 -14.93
CA LYS C 155 -23.75 36.42 -13.97
C LYS C 155 -24.91 37.07 -14.75
N LYS C 156 -24.62 37.59 -15.98
CA LYS C 156 -25.60 38.19 -16.88
C LYS C 156 -26.59 37.14 -17.39
N THR C 157 -26.08 35.98 -17.92
CA THR C 157 -26.92 34.89 -18.42
C THR C 157 -27.70 34.22 -17.25
N VAL C 158 -27.35 34.55 -15.99
CA VAL C 158 -28.08 34.06 -14.82
C VAL C 158 -29.36 34.93 -14.69
N GLN C 159 -29.22 36.25 -14.93
CA GLN C 159 -30.33 37.19 -14.91
C GLN C 159 -31.17 37.06 -16.19
N LYS C 160 -30.52 36.69 -17.32
CA LYS C 160 -31.11 36.50 -18.66
C LYS C 160 -31.78 35.12 -18.82
N ARG C 161 -31.40 34.17 -17.95
CA ARG C 161 -31.99 32.84 -17.94
C ARG C 161 -32.26 32.42 -16.52
N GLN C 162 -33.54 32.43 -16.15
CA GLN C 162 -34.09 32.04 -14.83
C GLN C 162 -34.05 30.52 -14.62
N ASP C 163 -34.18 29.76 -15.72
CA ASP C 163 -34.18 28.29 -15.81
C ASP C 163 -32.79 27.64 -15.67
N MET C 164 -31.72 28.34 -16.15
CA MET C 164 -30.34 27.88 -16.16
C MET C 164 -29.69 27.75 -14.79
N LYS C 165 -29.15 26.56 -14.51
CA LYS C 165 -28.45 26.25 -13.26
C LYS C 165 -26.94 26.45 -13.48
N LEU C 166 -26.20 26.87 -12.44
CA LEU C 166 -24.76 27.10 -12.54
C LEU C 166 -24.00 26.70 -11.26
N ILE C 167 -23.28 25.58 -11.36
CA ILE C 167 -22.44 25.05 -10.28
C ILE C 167 -21.04 25.61 -10.54
N VAL C 168 -20.38 26.14 -9.50
CA VAL C 168 -19.03 26.68 -9.66
C VAL C 168 -18.18 26.10 -8.54
N THR C 169 -17.05 25.43 -8.86
CA THR C 169 -16.17 24.90 -7.81
C THR C 169 -15.20 25.96 -7.40
N SER C 170 -14.94 26.06 -6.11
CA SER C 170 -14.04 27.06 -5.58
C SER C 170 -13.12 26.48 -4.56
N ALA C 171 -11.92 27.11 -4.39
CA ALA C 171 -10.93 26.71 -3.39
C ALA C 171 -11.47 27.14 -2.02
N THR C 172 -11.19 26.32 -0.99
CA THR C 172 -11.65 26.54 0.39
C THR C 172 -11.68 28.03 0.76
N LEU C 173 -10.56 28.74 0.56
CA LEU C 173 -10.42 30.17 0.84
C LEU C 173 -11.25 31.01 -0.13
N ASP C 174 -10.99 30.84 -1.44
CA ASP C 174 -11.63 31.52 -2.58
C ASP C 174 -13.17 31.64 -2.47
N ALA C 175 -13.82 30.60 -1.91
CA ALA C 175 -15.27 30.40 -1.71
C ALA C 175 -16.11 31.63 -1.34
N VAL C 176 -15.65 32.46 -0.39
CA VAL C 176 -16.38 33.64 0.06
C VAL C 176 -16.60 34.64 -1.06
N LYS C 177 -15.52 34.94 -1.83
CA LYS C 177 -15.50 35.86 -2.97
C LYS C 177 -16.51 35.47 -4.05
N PHE C 178 -16.55 34.17 -4.42
CA PHE C 178 -17.44 33.59 -5.44
C PHE C 178 -18.91 33.71 -5.05
N SER C 179 -19.23 33.43 -3.77
CA SER C 179 -20.58 33.49 -3.21
C SER C 179 -21.13 34.90 -3.36
N GLN C 180 -20.44 35.89 -2.72
CA GLN C 180 -20.75 37.32 -2.72
C GLN C 180 -21.05 37.86 -4.13
N TYR C 181 -20.21 37.45 -5.12
CA TYR C 181 -20.27 37.84 -6.54
C TYR C 181 -21.48 37.24 -7.24
N PHE C 182 -21.78 35.97 -6.95
CA PHE C 182 -22.88 35.27 -7.59
C PHE C 182 -24.17 35.35 -6.78
N TYR C 183 -24.55 36.59 -6.40
CA TYR C 183 -25.76 36.96 -5.65
C TYR C 183 -25.89 36.26 -4.28
N GLU C 184 -24.75 36.07 -3.57
CA GLU C 184 -24.67 35.41 -2.26
C GLU C 184 -25.11 33.92 -2.31
N ALA C 185 -24.77 33.22 -3.41
CA ALA C 185 -25.07 31.80 -3.67
C ALA C 185 -24.51 30.88 -2.58
N PRO C 186 -25.19 29.78 -2.20
CA PRO C 186 -24.70 28.92 -1.10
C PRO C 186 -23.37 28.20 -1.37
N ILE C 187 -22.53 28.12 -0.32
CA ILE C 187 -21.19 27.53 -0.30
C ILE C 187 -21.18 26.14 0.37
N PHE C 188 -21.78 25.14 -0.30
CA PHE C 188 -21.83 23.76 0.20
C PHE C 188 -20.44 23.11 0.31
N THR C 189 -20.19 22.44 1.45
CA THR C 189 -18.92 21.77 1.72
C THR C 189 -18.99 20.25 1.47
N ILE C 190 -18.10 19.78 0.60
CA ILE C 190 -17.87 18.40 0.17
C ILE C 190 -16.63 17.94 0.99
N PRO C 191 -16.74 16.90 1.85
CA PRO C 191 -15.58 16.50 2.67
C PRO C 191 -14.66 15.46 2.00
N GLY C 192 -13.52 15.18 2.63
CA GLY C 192 -12.55 14.21 2.13
C GLY C 192 -11.34 14.03 3.03
N THR C 194 -6.58 15.52 2.89
CA THR C 194 -5.84 16.03 4.05
C THR C 194 -5.07 14.90 4.81
N TYR C 195 -3.69 14.82 4.65
CA TYR C 195 -2.76 13.84 5.26
C TYR C 195 -1.34 14.42 5.47
N PRO C 196 -0.61 14.05 6.56
CA PRO C 196 0.73 14.62 6.76
C PRO C 196 1.77 14.12 5.78
N VAL C 197 2.54 15.07 5.28
CA VAL C 197 3.60 14.89 4.29
C VAL C 197 4.91 15.36 4.89
N GLU C 198 5.80 14.42 5.20
CA GLU C 198 7.15 14.66 5.71
C GLU C 198 7.93 15.23 4.51
N ILE C 199 8.20 16.55 4.52
CA ILE C 199 8.92 17.21 3.43
C ILE C 199 10.45 16.94 3.61
N LEU C 200 11.05 16.33 2.54
CA LEU C 200 12.43 15.83 2.39
C LEU C 200 13.34 16.66 1.47
N TYR C 201 13.59 17.93 1.87
CA TYR C 201 14.45 18.93 1.21
C TYR C 201 15.89 18.42 0.95
N THR C 202 16.64 19.10 0.06
CA THR C 202 18.05 18.78 -0.19
C THR C 202 18.90 19.78 0.67
N LYS C 203 19.17 19.32 1.94
CA LYS C 203 19.85 19.81 3.17
C LYS C 203 20.68 21.14 3.06
N GLU C 204 21.29 21.42 1.91
N ASP C 211 19.26 15.40 -12.81
CA ASP C 211 19.94 14.19 -12.37
C ASP C 211 19.50 13.81 -10.96
N ALA C 212 19.49 14.77 -10.03
CA ALA C 212 19.09 14.55 -8.63
C ALA C 212 17.74 13.90 -8.48
N SER C 213 16.75 14.26 -9.35
CA SER C 213 15.40 13.70 -9.36
C SER C 213 15.46 12.21 -9.67
N LEU C 214 16.34 11.83 -10.62
CA LEU C 214 16.55 10.44 -11.04
C LEU C 214 17.32 9.63 -9.99
N ILE C 215 18.10 10.31 -9.11
CA ILE C 215 18.81 9.68 -8.01
C ILE C 215 17.74 9.31 -6.97
N THR C 216 16.84 10.28 -6.72
CA THR C 216 15.70 10.23 -5.80
C THR C 216 14.77 9.10 -6.22
N VAL C 217 14.11 9.23 -7.41
CA VAL C 217 13.17 8.27 -7.98
C VAL C 217 13.69 6.82 -7.88
N MET C 218 15.00 6.60 -8.19
CA MET C 218 15.64 5.27 -8.09
C MET C 218 15.61 4.79 -6.63
N GLN C 219 16.19 5.59 -5.70
CA GLN C 219 16.28 5.34 -4.27
C GLN C 219 14.95 4.93 -3.63
N ILE C 220 13.90 5.77 -3.70
CA ILE C 220 12.60 5.44 -3.10
C ILE C 220 12.07 4.10 -3.60
N HIS C 221 11.88 3.96 -4.93
CA HIS C 221 11.38 2.73 -5.56
C HIS C 221 12.06 1.46 -5.06
N LEU C 222 13.35 1.54 -4.77
CA LEU C 222 14.05 0.38 -4.25
C LEU C 222 13.95 0.23 -2.74
N THR C 223 14.04 1.33 -1.98
CA THR C 223 14.12 1.35 -0.51
C THR C 223 12.82 1.50 0.28
N GLU C 224 11.91 2.37 -0.19
CA GLU C 224 10.69 2.79 0.50
C GLU C 224 9.41 1.96 0.21
N PRO C 225 8.41 1.96 1.14
CA PRO C 225 7.18 1.17 0.96
C PRO C 225 6.27 1.67 -0.18
N PRO C 226 5.06 1.05 -0.42
CA PRO C 226 4.17 1.49 -1.51
C PRO C 226 3.91 2.96 -1.64
N GLY C 227 3.58 3.33 -2.89
CA GLY C 227 3.28 4.68 -3.28
C GLY C 227 3.92 5.00 -4.59
N ASP C 228 3.11 5.46 -5.53
CA ASP C 228 3.60 5.84 -6.83
C ASP C 228 4.17 7.23 -6.75
N ILE C 229 5.41 7.35 -7.20
CA ILE C 229 6.22 8.57 -7.16
C ILE C 229 5.78 9.52 -8.30
N LEU C 230 5.47 10.80 -7.98
CA LEU C 230 5.01 11.85 -8.90
C LEU C 230 6.08 12.92 -9.09
N VAL C 231 6.59 13.06 -10.32
CA VAL C 231 7.63 14.05 -10.61
C VAL C 231 7.07 15.27 -11.39
N PHE C 232 7.45 16.49 -10.95
CA PHE C 232 7.00 17.73 -11.59
C PHE C 232 8.07 18.37 -12.42
N LEU C 233 8.04 18.09 -13.70
CA LEU C 233 9.02 18.69 -14.57
C LEU C 233 8.43 19.92 -15.28
N THR C 234 9.24 20.56 -16.11
CA THR C 234 8.92 21.81 -16.80
C THR C 234 8.20 21.60 -18.14
N GLY C 235 8.79 20.77 -18.99
CA GLY C 235 8.25 20.50 -20.32
C GLY C 235 8.50 19.12 -20.87
N GLN C 236 7.86 18.85 -22.02
CA GLN C 236 7.90 17.61 -22.77
C GLN C 236 9.32 17.15 -23.16
N GLU C 237 10.18 18.08 -23.66
CA GLU C 237 11.57 17.82 -24.06
C GLU C 237 12.39 17.33 -22.85
N GLU C 238 12.14 17.96 -21.69
CA GLU C 238 12.77 17.62 -20.41
C GLU C 238 12.25 16.26 -19.84
N ILE C 239 10.92 15.99 -19.97
CA ILE C 239 10.27 14.75 -19.53
C ILE C 239 10.78 13.60 -20.39
N ASP C 240 10.86 13.81 -21.72
CA ASP C 240 11.38 12.84 -22.67
C ASP C 240 12.81 12.45 -22.27
N THR C 241 13.68 13.46 -22.03
CA THR C 241 15.06 13.24 -21.61
C THR C 241 15.16 12.62 -20.21
N ALA C 242 14.14 12.84 -19.34
CA ALA C 242 14.13 12.24 -17.99
C ALA C 242 13.84 10.75 -18.07
N CYS C 243 12.73 10.39 -18.75
CA CYS C 243 12.24 9.03 -18.96
C CYS C 243 13.27 8.12 -19.62
N GLU C 244 13.91 8.61 -20.74
CA GLU C 244 14.93 7.92 -21.53
C GLU C 244 16.27 7.70 -20.79
N ILE C 245 16.51 8.46 -19.72
CA ILE C 245 17.64 8.32 -18.82
C ILE C 245 17.25 7.41 -17.67
N LEU C 246 16.02 7.57 -17.15
CA LEU C 246 15.49 6.76 -16.07
C LEU C 246 15.29 5.29 -16.49
N TYR C 247 14.96 5.04 -17.77
CA TYR C 247 14.72 3.71 -18.33
C TYR C 247 16.01 2.93 -18.44
N GLU C 248 17.08 3.54 -19.01
CA GLU C 248 18.38 2.88 -19.17
C GLU C 248 19.08 2.64 -17.82
N ARG C 249 18.74 3.45 -16.80
CA ARG C 249 19.27 3.31 -15.43
C ARG C 249 18.55 2.16 -14.71
N MET C 250 17.30 1.93 -15.10
CA MET C 250 16.43 0.88 -14.58
C MET C 250 16.83 -0.44 -15.21
N LYS C 251 16.83 -0.48 -16.55
CA LYS C 251 17.19 -1.64 -17.35
C LYS C 251 18.58 -2.15 -17.00
N SER C 252 19.48 -1.28 -16.47
CA SER C 252 20.83 -1.65 -16.07
C SER C 252 20.85 -2.57 -14.85
N LEU C 253 19.77 -2.54 -14.05
CA LEU C 253 19.63 -3.37 -12.84
C LEU C 253 18.94 -4.73 -13.11
N GLY C 254 18.92 -5.12 -14.39
CA GLY C 254 18.36 -6.37 -14.90
C GLY C 254 16.90 -6.65 -14.56
N PRO C 255 16.44 -7.92 -14.73
CA PRO C 255 15.04 -8.26 -14.41
C PRO C 255 14.81 -8.56 -12.92
N ASP C 256 15.90 -8.47 -12.12
CA ASP C 256 15.88 -8.68 -10.67
C ASP C 256 15.02 -7.59 -10.00
N VAL C 257 15.41 -6.29 -10.20
CA VAL C 257 14.72 -5.10 -9.65
C VAL C 257 13.25 -5.09 -10.04
N PRO C 258 12.31 -4.72 -9.13
CA PRO C 258 10.90 -4.66 -9.51
C PRO C 258 10.64 -3.58 -10.55
N GLU C 259 9.60 -3.79 -11.37
CA GLU C 259 9.22 -2.89 -12.47
C GLU C 259 8.81 -1.51 -11.96
N LEU C 260 9.28 -0.45 -12.66
CA LEU C 260 8.97 0.97 -12.43
C LEU C 260 8.28 1.47 -13.71
N ILE C 261 6.92 1.61 -13.70
CA ILE C 261 6.14 2.03 -14.86
C ILE C 261 6.36 3.51 -15.06
N ILE C 262 7.40 3.83 -15.82
CA ILE C 262 7.79 5.20 -16.15
C ILE C 262 6.67 5.77 -17.02
N LEU C 263 6.01 6.83 -16.52
CA LEU C 263 4.83 7.43 -17.13
C LEU C 263 4.97 8.90 -17.45
N PRO C 264 5.21 9.24 -18.75
CA PRO C 264 5.28 10.65 -19.15
C PRO C 264 3.88 11.26 -19.24
N VAL C 265 3.74 12.53 -18.80
CA VAL C 265 2.44 13.24 -18.80
C VAL C 265 2.52 14.71 -19.17
N TYR C 266 1.70 15.07 -20.17
CA TYR C 266 1.42 16.39 -20.70
C TYR C 266 0.14 16.25 -21.51
N SER C 267 -0.52 17.36 -21.85
CA SER C 267 -1.77 17.31 -22.61
C SER C 267 -1.59 16.67 -24.00
N ALA C 268 -0.50 17.09 -24.71
CA ALA C 268 -0.07 16.70 -26.07
C ALA C 268 0.10 15.20 -26.27
N LEU C 269 0.00 14.42 -25.18
CA LEU C 269 0.16 12.98 -25.13
C LEU C 269 -0.93 12.19 -25.90
N PRO C 270 -0.54 11.17 -26.71
CA PRO C 270 -1.57 10.40 -27.44
C PRO C 270 -2.53 9.72 -26.48
N SER C 271 -3.81 9.58 -26.91
CA SER C 271 -4.91 8.96 -26.17
C SER C 271 -4.58 7.62 -25.52
N GLU C 272 -3.91 6.68 -26.24
CA GLU C 272 -3.52 5.36 -25.69
C GLU C 272 -2.67 5.53 -24.42
N MET C 273 -1.80 6.57 -24.42
CA MET C 273 -0.90 6.94 -23.33
C MET C 273 -1.61 7.70 -22.20
N GLN C 274 -2.80 8.30 -22.47
CA GLN C 274 -3.65 9.03 -21.50
C GLN C 274 -4.40 8.05 -20.59
N THR C 275 -4.85 6.91 -21.15
CA THR C 275 -5.54 5.83 -20.45
C THR C 275 -4.56 5.32 -19.40
N ARG C 276 -3.30 5.23 -19.80
CA ARG C 276 -2.18 4.82 -18.97
C ARG C 276 -1.83 5.79 -17.83
N ILE C 277 -1.95 7.14 -18.02
CA ILE C 277 -1.52 8.17 -17.03
C ILE C 277 -2.49 8.27 -15.80
N PHE C 278 -2.93 7.11 -15.28
CA PHE C 278 -3.78 6.97 -14.11
C PHE C 278 -3.45 5.64 -13.49
N ASP C 279 -4.05 4.60 -14.13
CA ASP C 279 -4.08 3.15 -13.91
C ASP C 279 -3.38 2.61 -12.65
N PRO C 280 -4.09 1.72 -11.88
CA PRO C 280 -3.43 1.09 -10.71
C PRO C 280 -2.46 0.02 -11.20
N ALA C 281 -1.14 0.29 -11.07
CA ALA C 281 -0.07 -0.59 -11.50
C ALA C 281 -0.14 -1.97 -10.82
N PRO C 282 0.40 -3.04 -11.46
CA PRO C 282 0.29 -4.39 -10.85
C PRO C 282 0.69 -4.49 -9.34
N PRO C 283 0.31 -5.59 -8.63
CA PRO C 283 0.61 -5.69 -7.19
C PRO C 283 2.10 -5.74 -6.78
N GLY C 284 3.00 -5.87 -7.74
CA GLY C 284 4.44 -5.87 -7.50
C GLY C 284 5.15 -4.71 -8.18
N SER C 285 4.38 -3.89 -8.91
CA SER C 285 4.95 -2.79 -9.66
C SER C 285 4.40 -1.41 -9.25
N ARG C 286 5.34 -0.47 -9.02
CA ARG C 286 5.13 0.92 -8.66
C ARG C 286 5.39 1.67 -9.92
N LYS C 287 4.82 2.86 -10.02
CA LYS C 287 4.97 3.71 -11.16
C LYS C 287 5.44 5.10 -10.77
N VAL C 288 6.14 5.73 -11.72
CA VAL C 288 6.62 7.09 -11.61
C VAL C 288 5.92 7.89 -12.69
N VAL C 289 5.14 8.89 -12.27
CA VAL C 289 4.38 9.76 -13.16
C VAL C 289 5.15 11.08 -13.33
N ILE C 290 5.90 11.19 -14.45
CA ILE C 290 6.71 12.36 -14.80
C ILE C 290 5.88 13.30 -15.69
N ALA C 291 5.22 14.27 -15.01
CA ALA C 291 4.29 15.25 -15.59
C ALA C 291 4.80 16.70 -15.57
N THR C 292 3.93 17.67 -15.98
CA THR C 292 4.14 19.13 -15.92
C THR C 292 3.23 19.71 -14.79
N ASN C 293 2.87 21.03 -14.86
CA ASN C 293 2.00 21.70 -13.86
C ASN C 293 0.58 21.10 -13.77
N ILE C 294 0.28 20.10 -14.63
CA ILE C 294 -0.98 19.37 -14.77
C ILE C 294 -1.42 18.62 -13.49
N ALA C 295 -0.50 18.44 -12.50
CA ALA C 295 -0.80 17.72 -11.26
C ALA C 295 -1.65 18.49 -10.26
N GLU C 296 -1.26 19.75 -9.94
CA GLU C 296 -1.93 20.64 -8.98
C GLU C 296 -3.41 20.33 -8.76
N THR C 297 -4.24 20.52 -9.82
CA THR C 297 -5.68 20.24 -9.79
CA LEU C 299 -6.85 14.68 -13.71
C LEU C 299 -6.28 14.16 -12.39
N THR C 300 -7.16 13.61 -11.51
CA THR C 300 -6.75 13.09 -10.21
C THR C 300 -6.49 11.57 -10.22
N ILE C 301 -5.18 11.24 -10.24
CA ILE C 301 -4.57 9.89 -10.26
C ILE C 301 -4.49 9.32 -8.82
N ASP C 302 -4.90 8.04 -8.61
CA ASP C 302 -4.85 7.37 -7.31
C ASP C 302 -3.45 6.73 -7.11
N GLY C 303 -2.94 6.83 -5.89
CA GLY C 303 -1.65 6.25 -5.50
C GLY C 303 -0.47 7.21 -5.41
N ILE C 304 -0.70 8.51 -5.19
CA ILE C 304 0.38 9.49 -5.06
C ILE C 304 0.83 9.55 -3.59
N TYR C 305 2.09 9.15 -3.27
CA TYR C 305 2.61 9.17 -1.88
C TYR C 305 3.96 9.82 -1.76
N TYR C 306 4.74 9.72 -2.82
CA TYR C 306 6.03 10.36 -2.87
C TYR C 306 5.99 11.29 -4.07
N VAL C 307 6.35 12.54 -3.84
CA VAL C 307 6.40 13.60 -4.85
C VAL C 307 7.85 14.04 -4.97
N VAL C 308 8.34 14.16 -6.21
CA VAL C 308 9.69 14.60 -6.52
C VAL C 308 9.50 15.96 -7.24
N ASP C 309 9.33 17.03 -6.44
CA ASP C 309 9.06 18.38 -6.92
C ASP C 309 10.32 19.25 -6.90
N PRO C 310 10.95 19.51 -8.07
CA PRO C 310 12.14 20.38 -8.11
C PRO C 310 11.84 21.86 -7.79
N GLY C 311 10.54 22.21 -7.74
CA GLY C 311 9.99 23.55 -7.49
C GLY C 311 9.57 24.26 -8.77
N PHE C 312 10.07 23.71 -9.91
CA PHE C 312 9.99 24.17 -11.31
C PHE C 312 8.62 24.14 -12.01
N VAL C 313 8.34 25.27 -12.69
CA VAL C 313 7.11 25.52 -13.45
C VAL C 313 7.37 26.43 -14.69
N LYS C 314 7.04 25.89 -15.89
CA LYS C 314 7.15 26.59 -17.15
C LYS C 314 6.00 27.56 -17.14
N GLN C 315 6.34 28.83 -16.92
CA GLN C 315 5.40 29.93 -16.76
C GLN C 315 5.54 30.93 -17.91
N LYS C 316 4.52 30.97 -18.79
CA LYS C 316 4.40 31.84 -19.98
C LYS C 316 4.43 33.31 -19.58
N VAL C 328 8.68 31.96 -19.62
CA VAL C 328 9.59 30.85 -19.39
C VAL C 328 9.61 30.35 -17.91
N VAL C 329 10.41 29.28 -17.64
CA VAL C 329 10.55 28.60 -16.34
C VAL C 329 11.18 29.54 -15.27
N GLN C 334 4.07 29.82 -4.61
CA GLN C 334 4.37 29.11 -3.36
C GLN C 334 3.13 28.45 -2.72
N ALA C 335 1.92 28.82 -3.20
CA ALA C 335 0.63 28.31 -2.76
C ALA C 335 0.31 26.99 -3.50
N GLN C 336 0.89 26.80 -4.70
CA GLN C 336 0.76 25.58 -5.50
C GLN C 336 2.04 24.72 -5.36
N ALA C 337 2.76 24.94 -4.24
CA ALA C 337 3.97 24.24 -3.79
C ALA C 337 3.56 23.47 -2.56
N LYS C 338 2.35 23.84 -2.09
CA LYS C 338 1.57 23.26 -1.01
C LYS C 338 0.52 22.35 -1.66
N GLN C 339 0.14 22.67 -2.94
CA GLN C 339 -0.82 21.90 -3.75
C GLN C 339 -0.10 20.73 -4.42
N ARG C 340 1.09 21.00 -4.99
CA ARG C 340 1.94 20.02 -5.67
C ARG C 340 2.55 19.00 -4.67
N ALA C 341 3.26 19.49 -3.62
CA ALA C 341 3.89 18.61 -2.62
C ALA C 341 2.86 17.91 -1.73
N GLY C 342 1.73 18.59 -1.54
CA GLY C 342 0.61 18.12 -0.76
C GLY C 342 -0.44 17.38 -1.57
N ARG C 343 0.02 16.55 -2.54
CA ARG C 343 -0.80 15.65 -3.38
C ARG C 343 -0.50 14.19 -2.99
N ALA C 344 0.61 14.00 -2.23
CA ALA C 344 1.04 12.75 -1.59
C ALA C 344 0.03 12.64 -0.43
N GLY C 345 -0.06 13.75 0.33
CA GLY C 345 -1.01 13.97 1.43
C GLY C 345 -2.38 14.37 0.92
N ARG C 346 -2.83 13.65 -0.11
CA ARG C 346 -4.15 13.71 -0.76
C ARG C 346 -4.61 12.28 -0.68
N THR C 347 -3.73 11.34 -1.13
CA THR C 347 -4.04 9.92 -1.18
C THR C 347 -3.99 9.28 0.20
N GLY C 348 -2.91 9.54 0.94
CA GLY C 348 -2.65 9.05 2.31
C GLY C 348 -1.43 9.73 2.88
N PRO C 349 -0.99 9.51 4.15
CA PRO C 349 0.20 10.24 4.62
C PRO C 349 1.41 9.93 3.75
N GLY C 350 1.89 10.96 3.08
CA GLY C 350 2.98 10.85 2.13
C GLY C 350 4.34 11.34 2.59
N LYS C 351 5.18 11.71 1.58
CA LYS C 351 6.54 12.24 1.71
C LYS C 351 6.87 13.08 0.45
N CYS C 352 7.22 14.38 0.65
CA CYS C 352 7.54 15.29 -0.49
C CYS C 352 9.04 15.57 -0.60
N TYR C 353 9.67 15.02 -1.64
CA TYR C 353 11.09 15.18 -1.91
C TYR C 353 11.39 16.43 -2.73
N ARG C 354 11.43 17.61 -2.06
CA ARG C 354 11.69 18.92 -2.68
C ARG C 354 13.17 19.04 -3.06
N LEU C 355 13.50 18.96 -4.36
CA LEU C 355 14.87 19.07 -4.87
C LEU C 355 15.42 20.51 -4.80
N TYR C 356 15.07 21.20 -3.72
CA TYR C 356 15.42 22.56 -3.34
C TYR C 356 15.34 22.76 -1.79
N THR C 357 16.13 23.71 -1.24
CA THR C 357 16.26 24.04 0.19
C THR C 357 15.01 24.76 0.79
N GLU C 358 15.02 25.04 2.13
CA GLU C 358 13.93 25.73 2.85
C GLU C 358 13.79 27.20 2.42
N ARG C 359 14.96 27.90 2.30
CA ARG C 359 15.13 29.31 1.96
C ARG C 359 14.30 29.80 0.75
N ALA C 360 14.40 29.10 -0.42
CA ALA C 360 13.69 29.46 -1.66
C ALA C 360 12.17 29.32 -1.53
N TYR C 361 11.71 28.44 -0.64
CA TYR C 361 10.28 28.18 -0.44
C TYR C 361 9.56 29.32 0.29
N ARG C 362 10.23 29.88 1.30
CA ARG C 362 9.67 30.93 2.16
C ARG C 362 10.04 32.37 1.76
N ASP C 363 11.00 32.56 0.83
CA ASP C 363 11.44 33.91 0.48
C ASP C 363 11.29 34.27 -1.00
N GLU C 364 12.08 33.58 -1.86
CA GLU C 364 12.11 33.77 -3.32
C GLU C 364 10.75 33.46 -4.00
N MET C 365 9.99 32.50 -3.44
CA MET C 365 8.68 32.07 -3.94
C MET C 365 7.56 32.90 -3.28
N LEU C 366 6.66 33.44 -4.10
CA LEU C 366 5.60 34.32 -3.61
C LEU C 366 4.53 33.55 -2.80
N THR C 367 4.68 33.60 -1.46
CA THR C 367 3.82 32.95 -0.47
C THR C 367 2.47 33.68 -0.36
N PRO C 371 -2.00 37.57 -9.72
CA PRO C 371 -3.15 37.12 -10.52
C PRO C 371 -2.85 37.09 -12.02
N GLU C 372 -3.55 36.20 -12.77
CA GLU C 372 -3.38 36.06 -14.23
C GLU C 372 -4.00 37.21 -15.02
N ILE C 373 -4.92 37.99 -14.39
CA ILE C 373 -5.57 39.16 -14.97
C ILE C 373 -4.64 40.41 -14.95
N GLN C 374 -3.56 40.35 -14.13
CA GLN C 374 -2.58 41.43 -13.95
C GLN C 374 -1.32 41.31 -14.83
N ARG C 375 -0.88 40.07 -15.14
CA ARG C 375 0.36 39.82 -15.88
C ARG C 375 0.23 39.48 -17.41
N THR C 376 -1.00 39.32 -17.96
CA THR C 376 -1.18 38.95 -19.39
C THR C 376 -1.78 40.04 -20.28
N ASN C 377 -1.53 39.93 -21.59
CA ASN C 377 -2.02 40.84 -22.64
C ASN C 377 -3.53 40.68 -22.81
N LEU C 378 -4.27 41.78 -22.64
CA LEU C 378 -5.73 41.75 -22.70
C LEU C 378 -6.30 42.26 -24.05
N ALA C 379 -5.51 42.25 -25.15
CA ALA C 379 -6.00 42.70 -26.45
C ALA C 379 -6.97 41.70 -27.08
N SER C 380 -6.61 40.39 -27.06
CA SER C 380 -7.41 39.26 -27.54
C SER C 380 -8.68 39.08 -26.69
N THR C 381 -8.77 39.84 -25.59
CA THR C 381 -9.85 39.80 -24.62
C THR C 381 -10.80 40.95 -24.85
N VAL C 382 -10.24 42.15 -25.05
CA VAL C 382 -10.96 43.40 -25.31
C VAL C 382 -11.70 43.25 -26.64
N LEU C 383 -11.01 42.65 -27.61
CA LEU C 383 -11.52 42.36 -28.95
C LEU C 383 -12.75 41.47 -28.83
N SER C 384 -12.75 40.50 -27.90
CA SER C 384 -13.88 39.59 -27.68
C SER C 384 -15.08 40.30 -27.05
N LEU C 385 -14.83 41.06 -25.97
CA LEU C 385 -15.88 41.79 -25.26
C LEU C 385 -16.48 42.90 -26.13
N LYS C 386 -15.64 43.59 -26.94
CA LYS C 386 -16.06 44.64 -27.87
C LYS C 386 -16.71 44.05 -29.13
N ALA C 387 -16.38 42.78 -29.48
CA ALA C 387 -16.97 42.07 -30.63
C ALA C 387 -18.46 41.87 -30.37
N MET C 388 -18.83 41.51 -29.12
CA MET C 388 -20.22 41.38 -28.70
C MET C 388 -20.82 42.76 -28.33
N GLY C 389 -21.36 42.87 -27.11
CA GLY C 389 -21.97 44.09 -26.61
C GLY C 389 -20.97 45.21 -26.48
N ILE C 390 -21.34 46.39 -27.04
CA ILE C 390 -20.52 47.61 -27.07
C ILE C 390 -19.94 47.94 -25.65
N ASN C 391 -18.65 48.40 -25.61
CA ASN C 391 -17.91 48.75 -24.39
C ASN C 391 -18.69 49.66 -23.44
N ASP C 392 -19.07 49.10 -22.29
CA ASP C 392 -19.82 49.79 -21.26
C ASP C 392 -18.97 50.02 -20.02
N LEU C 393 -18.29 48.94 -19.54
CA LEU C 393 -17.43 48.89 -18.35
C LEU C 393 -18.12 49.46 -17.07
N LEU C 394 -19.36 48.96 -16.79
CA LEU C 394 -20.18 49.33 -15.64
C LEU C 394 -19.52 48.92 -14.32
C PRO C 402 -7.36 45.23 -13.98
N PRO C 403 -6.11 45.67 -14.17
CA PRO C 403 -5.81 47.10 -13.99
C PRO C 403 -6.10 47.96 -15.23
N MET C 404 -6.88 49.06 -15.06
CA MET C 404 -7.28 50.01 -16.12
C MET C 404 -6.14 50.35 -17.10
N GLU C 405 -4.87 50.38 -16.61
CA GLU C 405 -3.65 50.68 -17.37
C GLU C 405 -3.52 49.69 -18.52
N THR C 406 -3.35 48.37 -18.22
CA THR C 406 -3.23 47.28 -19.20
C THR C 406 -4.47 47.13 -20.10
N LEU C 407 -5.63 47.63 -19.63
CA LEU C 407 -6.89 47.63 -20.37
C LEU C 407 -6.81 48.66 -21.52
N ILE C 408 -6.49 49.94 -21.20
CA ILE C 408 -6.32 50.97 -22.22
C ILE C 408 -5.05 50.70 -23.07
N THR C 409 -4.05 49.96 -22.50
CA THR C 409 -2.81 49.55 -23.18
C THR C 409 -3.25 48.66 -24.34
N ALA C 410 -4.04 47.61 -24.02
CA ALA C 410 -4.61 46.63 -24.94
C ALA C 410 -5.56 47.29 -25.95
N MET C 411 -6.37 48.27 -25.50
CA MET C 411 -7.31 49.02 -26.33
C MET C 411 -6.58 49.69 -27.51
N GLU C 412 -5.48 50.41 -27.17
CA GLU C 412 -4.59 51.14 -28.06
C GLU C 412 -4.00 50.21 -29.10
N GLN C 413 -3.58 49.00 -28.69
CA GLN C 413 -3.00 47.95 -29.54
C GLN C 413 -3.90 47.62 -30.74
N LEU C 414 -5.22 47.53 -30.50
CA LEU C 414 -6.19 47.17 -31.52
C LEU C 414 -6.42 48.29 -32.52
N TYR C 415 -6.31 49.57 -32.08
CA TYR C 415 -6.44 50.73 -32.97
C TYR C 415 -5.36 50.65 -34.06
N THR C 416 -4.10 50.38 -33.63
CA THR C 416 -2.96 50.26 -34.53
C THR C 416 -3.12 49.10 -35.48
N LEU C 417 -3.69 47.98 -34.98
CA LEU C 417 -3.96 46.81 -35.82
C LEU C 417 -5.05 47.08 -36.86
N GLY C 418 -5.96 48.00 -36.55
CA GLY C 418 -7.08 48.36 -37.40
C GLY C 418 -8.36 47.65 -36.98
N ALA C 419 -8.42 47.25 -35.70
CA ALA C 419 -9.55 46.56 -35.09
C ALA C 419 -10.52 47.48 -34.34
N LEU C 420 -10.06 48.67 -33.89
CA LEU C 420 -10.93 49.61 -33.19
C LEU C 420 -11.00 50.99 -33.85
N ASP C 421 -12.17 51.61 -33.76
CA ASP C 421 -12.53 52.92 -34.30
C ASP C 421 -11.87 54.04 -33.50
N ASP C 422 -11.56 55.17 -34.20
CA ASP C 422 -10.96 56.41 -33.68
C ASP C 422 -11.28 56.67 -32.19
N GLU C 423 -12.58 56.56 -31.80
CA GLU C 423 -13.08 56.74 -30.44
C GLU C 423 -12.95 55.48 -29.59
N GLY C 424 -13.39 54.33 -30.12
CA GLY C 424 -13.30 53.04 -29.42
C GLY C 424 -14.21 51.94 -29.93
N LEU C 425 -15.05 52.27 -30.93
CA LEU C 425 -16.01 51.34 -31.52
C LEU C 425 -15.32 50.23 -32.37
N LEU C 426 -16.13 49.34 -32.96
CA LEU C 426 -15.66 48.23 -33.78
C LEU C 426 -15.39 48.64 -35.22
N THR C 427 -14.49 47.90 -35.90
CA THR C 427 -14.16 48.11 -37.30
C THR C 427 -14.50 46.88 -38.10
N ARG C 428 -14.42 47.00 -39.45
CA ARG C 428 -14.65 45.91 -40.39
C ARG C 428 -13.61 44.82 -40.08
N LEU C 429 -12.31 45.18 -40.12
CA LEU C 429 -11.21 44.27 -39.82
C LEU C 429 -11.35 43.69 -38.45
N GLY C 430 -11.82 44.51 -37.50
CA GLY C 430 -12.07 44.10 -36.13
C GLY C 430 -13.10 42.99 -36.05
N ARG C 431 -14.29 43.24 -36.66
CA ARG C 431 -15.39 42.28 -36.71
C ARG C 431 -14.99 41.00 -37.48
N ARG C 432 -14.12 41.16 -38.52
CA ARG C 432 -13.60 40.07 -39.36
C ARG C 432 -12.60 39.18 -38.61
N MET C 433 -11.76 39.79 -37.76
CA MET C 433 -10.79 39.07 -36.95
C MET C 433 -11.51 38.33 -35.82
N ALA C 434 -12.59 38.96 -35.27
CA ALA C 434 -13.45 38.45 -34.19
C ALA C 434 -14.04 37.05 -34.45
N GLU C 435 -14.12 36.65 -35.73
CA GLU C 435 -14.67 35.36 -36.20
C GLU C 435 -13.70 34.17 -35.97
N PHE C 436 -12.42 34.47 -35.76
CA PHE C 436 -11.39 33.45 -35.51
C PHE C 436 -11.01 33.33 -34.01
N PRO C 437 -10.74 32.09 -33.51
CA PRO C 437 -10.30 31.97 -32.11
C PRO C 437 -8.76 32.12 -32.08
N LEU C 438 -8.27 33.25 -32.59
CA LEU C 438 -6.84 33.54 -32.72
C LEU C 438 -6.44 34.89 -32.12
N GLU C 439 -5.15 35.01 -31.75
CA GLU C 439 -4.49 36.19 -31.19
C GLU C 439 -4.64 37.32 -32.19
N PRO C 440 -4.82 38.61 -31.78
CA PRO C 440 -4.98 39.70 -32.77
C PRO C 440 -3.80 39.80 -33.74
N MET C 441 -2.58 39.46 -33.28
CA MET C 441 -1.38 39.46 -34.11
C MET C 441 -1.57 38.48 -35.29
N LEU C 442 -2.01 37.24 -34.98
CA LEU C 442 -2.26 36.20 -35.99
C LEU C 442 -3.47 36.55 -36.86
N CYS C 443 -4.54 37.10 -36.24
CA CYS C 443 -5.80 37.47 -36.87
C CYS C 443 -5.63 38.50 -37.97
N LYS C 444 -4.99 39.65 -37.65
CA LYS C 444 -4.75 40.74 -38.59
C LYS C 444 -4.09 40.23 -39.84
N MET C 445 -3.00 39.44 -39.69
CA MET C 445 -2.25 38.92 -40.83
C MET C 445 -3.00 37.83 -41.63
N LEU C 446 -3.95 37.07 -41.02
CA LEU C 446 -4.74 36.10 -41.80
C LEU C 446 -5.87 36.84 -42.56
N ILE C 447 -6.55 37.83 -41.91
CA ILE C 447 -7.60 38.63 -42.53
C ILE C 447 -6.98 39.48 -43.64
N MET C 448 -5.75 39.99 -43.40
CA MET C 448 -4.97 40.80 -44.35
C MET C 448 -4.49 40.03 -45.56
N SER C 449 -4.16 38.74 -45.40
CA SER C 449 -3.69 37.89 -46.50
C SER C 449 -4.76 37.70 -47.55
N VAL C 450 -6.04 37.85 -47.16
CA VAL C 450 -7.19 37.79 -48.05
C VAL C 450 -7.12 39.06 -48.94
N HIS C 451 -6.98 40.26 -48.33
CA HIS C 451 -6.83 41.56 -48.99
C HIS C 451 -5.55 41.62 -49.84
N LEU C 452 -4.49 40.90 -49.42
CA LEU C 452 -3.16 40.84 -50.04
C LEU C 452 -2.90 39.63 -50.98
N GLY C 453 -3.92 38.79 -51.18
CA GLY C 453 -3.87 37.62 -52.07
C GLY C 453 -2.76 36.61 -51.80
N CYS C 454 -2.72 36.09 -50.57
CA CYS C 454 -1.78 35.07 -50.09
C CYS C 454 -2.47 34.31 -48.94
N SER C 455 -3.82 34.18 -49.05
CA SER C 455 -4.75 33.52 -48.12
C SER C 455 -4.48 32.04 -47.99
N GLU C 456 -4.17 31.36 -49.12
CA GLU C 456 -3.88 29.92 -49.13
C GLU C 456 -2.67 29.64 -48.26
N GLU C 457 -1.60 30.44 -48.42
CA GLU C 457 -0.35 30.32 -47.69
C GLU C 457 -0.49 30.80 -46.25
N MET C 458 -1.30 31.85 -46.00
CA MET C 458 -1.49 32.36 -44.65
C MET C 458 -2.32 31.44 -43.77
N LEU C 459 -3.21 30.66 -44.37
CA LEU C 459 -3.99 29.66 -43.64
C LEU C 459 -3.02 28.57 -43.20
N THR C 460 -2.08 28.21 -44.10
CA THR C 460 -1.02 27.23 -43.87
C THR C 460 -0.14 27.70 -42.69
N ILE C 461 0.51 28.88 -42.82
CA ILE C 461 1.41 29.50 -41.84
C ILE C 461 0.74 29.70 -40.45
N VAL C 462 -0.59 30.04 -40.38
CA VAL C 462 -1.25 30.20 -39.07
C VAL C 462 -1.49 28.83 -38.41
N SER C 463 -1.97 27.83 -39.19
CA SER C 463 -2.21 26.45 -38.70
C SER C 463 -0.91 25.78 -38.26
N MET C 464 0.20 26.10 -38.95
CA MET C 464 1.53 25.58 -38.65
C MET C 464 2.12 26.26 -37.42
N LEU C 465 1.80 27.54 -37.18
CA LEU C 465 2.29 28.25 -36.00
C LEU C 465 1.56 27.77 -34.71
N SER C 466 0.29 27.34 -34.87
CA SER C 466 -0.59 26.85 -33.80
C SER C 466 -0.04 25.59 -33.10
N VAL C 467 0.47 24.60 -33.91
CA VAL C 467 1.13 23.35 -33.46
C VAL C 467 2.58 23.70 -33.07
N GLN C 468 3.18 23.02 -32.07
CA GLN C 468 4.54 23.40 -31.69
C GLN C 468 5.63 22.38 -32.04
N ASN C 469 5.39 21.09 -31.75
CA ASN C 469 6.38 20.06 -32.03
C ASN C 469 6.33 19.67 -33.50
N VAL C 470 6.72 20.59 -34.39
CA VAL C 470 6.69 20.36 -35.83
C VAL C 470 7.82 19.43 -36.29
N PHE C 471 9.07 19.71 -35.89
CA PHE C 471 10.23 18.92 -36.31
C PHE C 471 10.68 17.90 -35.33
N TYR C 472 11.08 16.74 -35.85
CA TYR C 472 11.62 15.65 -35.04
C TYR C 472 13.15 15.80 -34.98
N ARG C 473 13.69 16.06 -33.76
CA ARG C 473 15.13 16.25 -33.50
C ARG C 473 15.55 15.42 -32.26
N PRO C 474 15.86 14.11 -32.42
CA PRO C 474 16.25 13.31 -31.25
C PRO C 474 17.68 13.62 -30.82
N LYS C 475 18.00 13.30 -29.55
CA LYS C 475 19.34 13.52 -29.00
C LYS C 475 20.34 12.50 -29.59
N ASP C 476 19.84 11.28 -29.93
CA ASP C 476 20.61 10.18 -30.50
C ASP C 476 21.04 10.44 -31.95
N LYS C 477 20.33 11.34 -32.66
CA LYS C 477 20.61 11.73 -34.04
C LYS C 477 20.40 13.23 -34.20
N GLN C 478 21.20 14.00 -33.41
CA GLN C 478 21.21 15.47 -33.30
C GLN C 478 21.56 16.17 -34.63
N ALA C 479 22.62 15.70 -35.30
CA ALA C 479 23.17 16.23 -36.54
C ALA C 479 22.30 15.93 -37.77
N LEU C 480 21.83 14.67 -37.91
CA LEU C 480 21.01 14.20 -39.03
C LEU C 480 19.69 14.96 -39.13
N ALA C 481 19.05 15.25 -37.97
CA ALA C 481 17.78 15.98 -37.85
C ALA C 481 17.90 17.42 -38.37
N ASP C 482 19.07 18.05 -38.14
CA ASP C 482 19.40 19.41 -38.59
C ASP C 482 19.55 19.47 -40.11
N GLN C 483 20.25 18.45 -40.69
CA GLN C 483 20.51 18.30 -42.13
C GLN C 483 19.22 18.02 -42.91
N LYS C 484 18.30 17.28 -42.30
CA LYS C 484 16.99 16.97 -42.87
C LYS C 484 16.08 18.21 -42.80
N LYS C 485 16.08 18.95 -41.65
CA LYS C 485 15.32 20.19 -41.44
C LYS C 485 15.86 21.33 -42.30
N ALA C 486 17.18 21.28 -42.66
CA ALA C 486 17.86 22.27 -43.49
C ALA C 486 17.31 22.38 -44.92
N LYS C 487 16.87 21.26 -45.52
CA LYS C 487 16.32 21.22 -46.89
C LYS C 487 15.11 22.15 -47.11
N PHE C 488 14.41 22.51 -46.02
CA PHE C 488 13.22 23.36 -46.03
C PHE C 488 13.49 24.85 -45.79
N HIS C 489 14.67 25.21 -45.24
CA HIS C 489 15.05 26.60 -44.91
C HIS C 489 14.93 27.58 -46.07
N GLN C 490 14.08 28.60 -45.89
CA GLN C 490 13.81 29.65 -46.86
C GLN C 490 14.76 30.82 -46.66
N THR C 491 15.21 31.42 -47.78
CA THR C 491 16.09 32.59 -47.78
C THR C 491 15.30 33.79 -47.23
N GLU C 492 13.96 33.73 -47.37
CA GLU C 492 12.96 34.72 -46.94
C GLU C 492 12.73 34.78 -45.41
N GLY C 493 12.58 33.63 -44.74
CA GLY C 493 12.36 33.59 -43.30
C GLY C 493 11.57 32.39 -42.81
N ASP C 494 11.68 32.09 -41.50
CA ASP C 494 11.04 30.98 -40.78
C ASP C 494 9.56 30.72 -41.07
N HIS C 495 8.77 31.79 -41.28
CA HIS C 495 7.34 31.69 -41.58
C HIS C 495 7.15 30.92 -42.89
N LEU C 496 7.93 31.32 -43.93
CA LEU C 496 7.90 30.66 -45.23
C LEU C 496 8.49 29.26 -45.17
N THR C 497 9.39 29.00 -44.19
CA THR C 497 9.98 27.68 -43.99
C THR C 497 8.91 26.70 -43.56
N LEU C 498 7.95 27.15 -42.70
CA LEU C 498 6.84 26.32 -42.21
C LEU C 498 5.92 25.99 -43.34
N LEU C 499 5.72 26.97 -44.24
CA LEU C 499 4.89 26.83 -45.42
C LEU C 499 5.48 25.75 -46.31
N ALA C 500 6.82 25.81 -46.52
CA ALA C 500 7.62 24.86 -47.31
C ALA C 500 7.44 23.41 -46.85
N VAL C 501 7.35 23.21 -45.51
CA VAL C 501 7.15 21.90 -44.89
C VAL C 501 5.75 21.38 -45.21
N TYR C 502 4.70 22.11 -44.80
CA TYR C 502 3.32 21.70 -45.04
C TYR C 502 2.98 21.54 -46.53
N ASN C 503 3.53 22.42 -47.38
CA ASN C 503 3.28 22.33 -48.82
C ASN C 503 3.98 21.14 -49.45
N SER C 504 5.20 20.79 -49.00
CA SER C 504 5.89 19.61 -49.54
C SER C 504 5.33 18.31 -48.96
N TRP C 505 4.54 18.41 -47.87
CA TRP C 505 3.84 17.28 -47.28
C TRP C 505 2.67 16.92 -48.19
N LYS C 506 1.85 17.93 -48.57
CA LYS C 506 0.70 17.84 -49.50
C LYS C 506 1.18 17.34 -50.88
N ASN C 507 2.39 17.81 -51.31
CA ASN C 507 3.09 17.48 -52.55
C ASN C 507 3.37 15.98 -52.56
N ASN C 508 3.98 15.48 -51.46
CA ASN C 508 4.29 14.07 -51.26
C ASN C 508 3.10 13.36 -50.61
N LYS C 509 1.93 13.50 -51.27
CA LYS C 509 0.59 12.95 -51.00
C LYS C 509 0.31 12.60 -49.52
N PHE C 510 0.70 13.50 -48.58
CA PHE C 510 0.51 13.35 -47.13
C PHE C 510 1.11 12.03 -46.59
N SER C 511 2.32 11.69 -47.08
CA SER C 511 3.03 10.46 -46.75
C SER C 511 3.66 10.45 -45.36
N ASN C 512 3.34 9.39 -44.58
CA ASN C 512 3.91 9.15 -43.26
C ASN C 512 5.39 8.73 -43.42
N PRO C 513 5.78 7.78 -44.34
CA PRO C 513 7.21 7.51 -44.55
C PRO C 513 8.00 8.72 -45.05
N TRP C 514 7.33 9.75 -45.62
CA TRP C 514 7.97 10.98 -46.07
C TRP C 514 8.41 11.76 -44.84
N CYS C 515 7.54 11.80 -43.81
CA CYS C 515 7.83 12.47 -42.54
C CYS C 515 8.97 11.78 -41.81
N TYR C 516 8.97 10.43 -41.80
CA TYR C 516 10.03 9.64 -41.17
C TYR C 516 11.39 9.91 -41.88
N GLU C 517 11.37 10.02 -43.22
CA GLU C 517 12.52 10.28 -44.08
C GLU C 517 13.07 11.69 -43.81
N ASN C 518 12.17 12.67 -43.69
CA ASN C 518 12.49 14.09 -43.52
C ASN C 518 12.61 14.61 -42.08
N PHE C 519 12.33 13.77 -41.05
CA PHE C 519 12.37 14.19 -39.64
C PHE C 519 11.34 15.31 -39.31
N ILE C 520 10.09 15.06 -39.72
CA ILE C 520 8.94 15.93 -39.50
C ILE C 520 7.96 15.13 -38.64
N GLN C 521 7.36 15.78 -37.64
CA GLN C 521 6.40 15.13 -36.77
C GLN C 521 5.06 14.96 -37.43
N ALA C 522 4.83 13.77 -38.01
CA ALA C 522 3.63 13.40 -38.73
C ALA C 522 2.35 13.70 -37.97
N ARG C 523 2.36 13.59 -36.62
CA ARG C 523 1.20 13.88 -35.78
C ARG C 523 0.93 15.40 -35.75
N SER C 524 2.01 16.19 -35.56
CA SER C 524 1.98 17.64 -35.48
C SER C 524 1.57 18.29 -36.80
N LEU C 525 1.82 17.59 -37.93
CA LEU C 525 1.50 18.04 -39.28
C LEU C 525 0.06 17.68 -39.64
N ARG C 526 -0.42 16.56 -39.07
CA ARG C 526 -1.79 16.05 -39.16
C ARG C 526 -2.72 16.99 -38.35
N ARG C 527 -2.26 17.41 -37.15
CA ARG C 527 -2.93 18.36 -36.24
C ARG C 527 -3.06 19.74 -36.95
N ALA C 528 -2.00 20.14 -37.70
CA ALA C 528 -1.95 21.39 -38.50
C ALA C 528 -3.03 21.35 -39.55
N GLN C 529 -3.19 20.20 -40.27
CA GLN C 529 -4.24 19.99 -41.28
C GLN C 529 -5.63 20.06 -40.63
N ASP C 530 -5.76 19.51 -39.40
CA ASP C 530 -6.98 19.52 -38.60
C ASP C 530 -7.38 20.98 -38.32
N ILE C 531 -6.38 21.83 -37.97
CA ILE C 531 -6.53 23.27 -37.71
C ILE C 531 -6.93 24.02 -39.00
N ARG C 532 -6.21 23.74 -40.11
CA ARG C 532 -6.45 24.31 -41.44
C ARG C 532 -7.82 23.93 -41.96
N LYS C 533 -8.29 22.70 -41.62
CA LYS C 533 -9.61 22.20 -41.99
C LYS C 533 -10.71 22.89 -41.17
N GLN C 534 -10.36 23.46 -39.99
CA GLN C 534 -11.31 24.18 -39.14
C GLN C 534 -11.35 25.68 -39.48
N MET C 535 -10.17 26.30 -39.70
CA MET C 535 -10.00 27.75 -40.01
C MET C 535 -10.40 28.09 -41.46
N LEU C 536 -10.10 27.19 -42.44
CA LEU C 536 -10.54 27.32 -43.83
C LEU C 536 -12.08 27.31 -43.81
N GLY C 537 -12.65 26.63 -42.80
CA GLY C 537 -14.08 26.57 -42.55
C GLY C 537 -14.63 27.94 -42.23
N ILE C 538 -14.01 28.64 -41.25
CA ILE C 538 -14.38 30.00 -40.86
C ILE C 538 -14.11 30.96 -42.05
N MET C 539 -13.04 30.70 -42.83
CA MET C 539 -12.63 31.47 -44.01
C MET C 539 -13.69 31.39 -45.15
N ASP C 540 -14.09 30.15 -45.53
CA ASP C 540 -15.10 29.86 -46.55
C ASP C 540 -16.52 30.27 -46.09
N ARG C 541 -16.80 30.17 -44.77
CA ARG C 541 -18.08 30.55 -44.17
C ARG C 541 -18.31 32.06 -44.21
N HIS C 542 -17.28 32.87 -43.90
CA HIS C 542 -17.42 34.32 -43.87
C HIS C 542 -16.92 35.00 -45.16
N LYS C 543 -17.07 34.28 -46.29
CA LYS C 543 -16.76 34.66 -47.66
C LYS C 543 -15.32 35.16 -47.91
N LEU C 544 -14.38 34.92 -46.97
CA LEU C 544 -12.98 35.30 -47.14
C LEU C 544 -12.38 34.37 -48.22
N ASP C 545 -12.02 34.94 -49.39
CA ASP C 545 -11.46 34.17 -50.51
C ASP C 545 -10.12 33.54 -50.11
N VAL C 546 -9.92 32.26 -50.49
CA VAL C 546 -8.70 31.51 -50.20
C VAL C 546 -7.84 31.44 -51.46
N VAL C 547 -6.83 32.33 -51.57
CA VAL C 547 -6.00 32.39 -52.78
C VAL C 547 -4.48 32.34 -52.50
N SER C 548 -3.77 31.74 -53.47
CA SER C 548 -2.33 31.56 -53.48
C SER C 548 -1.63 32.81 -53.96
N CYS C 549 -0.30 32.83 -53.82
CA CYS C 549 0.61 33.88 -54.26
C CYS C 549 1.74 33.23 -55.05
N GLY C 550 1.68 31.90 -55.19
CA GLY C 550 2.65 31.10 -55.94
C GLY C 550 4.08 31.47 -55.62
N LYS C 551 4.84 31.90 -56.64
CA LYS C 551 6.24 32.31 -56.51
C LYS C 551 6.44 33.71 -55.87
N SER C 552 5.37 34.53 -55.78
CA SER C 552 5.38 35.90 -55.22
C SER C 552 5.22 35.90 -53.69
N THR C 553 6.19 35.26 -53.01
CA THR C 553 6.28 35.08 -51.56
C THR C 553 6.41 36.41 -50.80
N VAL C 554 6.77 37.51 -51.49
CA VAL C 554 6.88 38.82 -50.86
C VAL C 554 5.48 39.30 -50.41
N ARG C 555 4.41 38.73 -51.00
CA ARG C 555 3.01 39.00 -50.62
C ARG C 555 2.77 38.51 -49.18
N VAL C 556 3.32 37.32 -48.87
CA VAL C 556 3.25 36.68 -47.55
C VAL C 556 3.99 37.57 -46.53
N GLN C 557 5.25 37.96 -46.85
CA GLN C 557 6.07 38.80 -46.00
C GLN C 557 5.29 40.03 -45.56
N LYS C 558 4.80 40.81 -46.55
CA LYS C 558 4.00 42.01 -46.33
C LYS C 558 2.81 41.78 -45.41
N ALA C 559 2.05 40.70 -45.65
CA ALA C 559 0.89 40.35 -44.83
C ALA C 559 1.29 39.97 -43.40
N ILE C 560 2.40 39.21 -43.20
CA ILE C 560 2.87 38.87 -41.84
C ILE C 560 3.18 40.17 -41.08
N CYS C 561 3.89 41.08 -41.76
CA CYS C 561 4.27 42.39 -41.25
C CYS C 561 3.06 43.20 -40.81
N SER C 562 1.92 43.07 -41.53
CA SER C 562 0.68 43.79 -41.26
C SER C 562 0.10 43.50 -39.88
N GLY C 563 0.36 42.30 -39.39
CA GLY C 563 -0.12 41.88 -38.07
C GLY C 563 0.92 41.94 -36.98
N PHE C 564 2.20 41.75 -37.33
CA PHE C 564 3.30 41.70 -36.37
C PHE C 564 4.24 42.90 -36.43
N PHE C 565 3.69 44.09 -36.78
CA PHE C 565 4.50 45.31 -36.86
C PHE C 565 4.99 45.74 -35.50
N ARG C 566 4.25 45.37 -34.42
CA ARG C 566 4.65 45.67 -33.04
C ARG C 566 5.96 44.95 -32.75
N ASN C 567 6.12 43.75 -33.36
CA ASN C 567 7.28 42.87 -33.24
C ASN C 567 8.43 43.16 -34.23
N ALA C 568 8.54 44.40 -34.75
CA ALA C 568 9.63 44.73 -35.66
C ALA C 568 10.93 44.90 -34.86
N ALA C 569 12.06 44.46 -35.46
CA ALA C 569 13.43 44.51 -34.92
C ALA C 569 14.45 44.87 -36.02
N LYS C 570 15.59 45.51 -35.67
CA LYS C 570 16.64 45.86 -36.65
C LYS C 570 18.02 45.47 -36.20
N LYS C 571 18.83 44.92 -37.12
CA LYS C 571 20.18 44.45 -36.88
C LYS C 571 21.14 45.55 -36.46
N ASP C 572 21.62 45.44 -35.20
CA ASP C 572 22.59 46.36 -34.62
C ASP C 572 23.98 45.89 -35.05
N PRO C 573 24.74 46.73 -35.78
CA PRO C 573 26.07 46.30 -36.23
C PRO C 573 27.08 46.01 -35.12
N GLN C 574 26.79 46.40 -33.86
CA GLN C 574 27.66 46.16 -32.72
C GLN C 574 27.43 44.76 -32.15
N GLU C 575 26.15 44.41 -31.86
CA GLU C 575 25.73 43.11 -31.30
C GLU C 575 24.22 42.96 -31.39
N GLY C 576 23.77 41.83 -31.95
CA GLY C 576 22.37 41.44 -32.09
C GLY C 576 21.48 42.41 -32.84
N TYR C 577 20.21 42.54 -32.37
CA TYR C 577 19.16 43.40 -32.93
C TYR C 577 18.60 44.39 -31.88
N ARG C 578 17.77 45.35 -32.32
CA ARG C 578 17.10 46.35 -31.48
C ARG C 578 15.62 46.38 -31.84
N THR C 579 14.75 46.10 -30.84
CA THR C 579 13.30 45.97 -30.97
C THR C 579 12.52 47.29 -31.01
N LEU C 580 11.75 47.53 -32.10
CA LEU C 580 10.92 48.73 -32.28
C LEU C 580 10.13 49.11 -31.00
N ILE C 581 10.13 50.44 -30.67
CA ILE C 581 9.53 51.17 -29.53
C ILE C 581 10.60 51.47 -28.44
N ASP C 582 11.12 50.42 -27.79
CA ASP C 582 12.09 50.45 -26.68
C ASP C 582 13.56 50.27 -27.11
N GLN C 583 13.80 49.36 -28.09
CA GLN C 583 15.06 48.96 -28.75
C GLN C 583 15.95 48.00 -27.94
N GLN C 584 15.45 47.45 -26.82
CA GLN C 584 16.23 46.49 -26.01
C GLN C 584 15.98 45.06 -26.52
N VAL C 585 17.02 44.42 -27.07
CA VAL C 585 16.97 43.05 -27.61
C VAL C 585 18.33 42.39 -27.50
N VAL C 586 18.37 41.06 -27.34
CA VAL C 586 19.61 40.28 -27.19
C VAL C 586 20.16 39.77 -28.54
N TYR C 587 19.29 39.15 -29.39
CA TYR C 587 19.59 38.61 -30.73
C TYR C 587 18.48 37.67 -31.27
N ILE C 588 18.84 36.79 -32.24
CA ILE C 588 18.00 35.79 -32.91
C ILE C 588 18.44 34.34 -32.58
N HIS C 589 17.49 33.40 -32.61
CA HIS C 589 17.63 31.96 -32.29
C HIS C 589 18.29 31.13 -33.40
N PRO C 590 18.65 29.82 -33.21
CA PRO C 590 19.21 29.06 -34.34
C PRO C 590 18.09 28.55 -35.26
N SER C 591 18.45 27.80 -36.31
CA SER C 591 17.54 27.22 -37.30
C SER C 591 16.91 28.27 -38.25
N SER C 592 17.07 28.04 -39.57
CA SER C 592 16.60 28.82 -40.74
C SER C 592 17.51 30.04 -41.07
N ALA C 593 16.88 31.21 -41.36
CA ALA C 593 17.53 32.48 -41.69
C ALA C 593 18.30 32.99 -40.47
N LEU C 594 17.78 32.68 -39.25
CA LEU C 594 18.36 33.07 -37.96
C LEU C 594 19.56 32.17 -37.56
N PHE C 595 19.93 31.22 -38.44
CA PHE C 595 21.07 30.31 -38.25
C PHE C 595 22.32 30.81 -39.01
N ASN C 596 22.23 31.03 -40.35
CA ASN C 596 23.35 31.48 -41.19
C ASN C 596 22.96 32.45 -42.36
N ARG C 597 22.00 33.39 -42.14
CA ARG C 597 21.55 34.37 -43.16
C ARG C 597 20.86 35.63 -42.57
N GLN C 598 21.29 36.06 -41.36
CA GLN C 598 20.73 37.17 -40.57
C GLN C 598 20.63 38.54 -41.32
N PRO C 599 19.38 39.08 -41.52
CA PRO C 599 19.21 40.32 -42.28
C PRO C 599 19.06 41.62 -41.47
N GLU C 600 18.95 42.78 -42.16
CA GLU C 600 18.83 44.10 -41.53
C GLU C 600 17.52 44.26 -40.75
N TRP C 601 16.36 44.02 -41.38
CA TRP C 601 15.05 44.18 -40.74
C TRP C 601 14.20 42.90 -40.70
N VAL C 602 13.62 42.59 -39.52
CA VAL C 602 12.79 41.40 -39.27
C VAL C 602 11.58 41.66 -38.37
N VAL C 603 10.63 40.70 -38.38
CA VAL C 603 9.45 40.63 -37.51
C VAL C 603 9.44 39.25 -36.90
N TYR C 604 9.35 39.20 -35.57
CA TYR C 604 9.32 37.94 -34.85
C TYR C 604 7.93 37.54 -34.47
N HIS C 605 7.72 36.25 -34.18
CA HIS C 605 6.42 35.78 -33.79
C HIS C 605 6.26 35.89 -32.27
N GLU C 606 7.02 35.09 -31.51
CA GLU C 606 7.03 35.09 -30.05
C GLU C 606 8.40 35.49 -29.52
N LEU C 607 8.61 35.45 -28.19
CA LEU C 607 9.91 35.77 -27.59
C LEU C 607 10.25 34.79 -26.49
N VAL C 608 11.08 33.77 -26.80
CA VAL C 608 11.53 32.80 -25.82
C VAL C 608 12.72 33.35 -25.05
N LEU C 609 12.61 33.40 -23.72
CA LEU C 609 13.69 33.88 -22.86
C LEU C 609 14.42 32.70 -22.25
N THR C 610 15.68 32.51 -22.67
CA THR C 610 16.56 31.45 -22.21
C THR C 610 17.91 32.09 -21.87
N THR C 611 19.00 31.65 -22.54
CA THR C 611 20.34 32.19 -22.44
C THR C 611 20.25 33.67 -22.84
N LYS C 612 19.59 33.91 -24.00
CA LYS C 612 19.33 35.22 -24.58
C LYS C 612 17.80 35.39 -24.72
N GLU C 613 17.35 36.61 -25.02
CA GLU C 613 15.94 36.90 -25.24
C GLU C 613 15.68 36.63 -26.74
N TYR C 614 15.60 35.30 -27.09
CA TYR C 614 15.43 34.79 -28.46
C TYR C 614 14.07 35.07 -29.07
N MET C 615 14.08 35.56 -30.33
CA MET C 615 12.92 35.83 -31.14
C MET C 615 12.49 34.49 -31.76
N ARG C 616 11.24 34.03 -31.48
CA ARG C 616 10.71 32.74 -31.97
C ARG C 616 9.94 32.89 -33.31
N GLU C 617 10.41 32.15 -34.34
CA GLU C 617 9.91 32.14 -35.72
C GLU C 617 10.00 33.56 -36.31
N VAL C 618 11.20 33.92 -36.90
CA VAL C 618 11.51 35.27 -37.44
C VAL C 618 11.53 35.31 -38.98
N THR C 619 10.94 36.37 -39.57
CA THR C 619 10.86 36.54 -41.02
C THR C 619 11.37 37.96 -41.43
N THR C 620 12.08 38.06 -42.58
CA THR C 620 12.66 39.30 -43.11
C THR C 620 11.58 40.27 -43.63
N ILE C 621 11.73 41.57 -43.33
CA ILE C 621 10.81 42.63 -43.81
C ILE C 621 11.57 43.82 -44.37
N ASP C 622 10.89 44.64 -45.18
CA ASP C 622 11.45 45.88 -45.68
C ASP C 622 10.84 46.99 -44.80
N PRO C 623 11.70 47.78 -44.14
CA PRO C 623 11.20 48.84 -43.23
C PRO C 623 10.12 49.74 -43.78
N ARG C 624 10.06 49.85 -45.12
CA ARG C 624 9.09 50.65 -45.85
C ARG C 624 7.63 50.14 -45.63
N TRP C 625 7.47 49.11 -44.80
CA TRP C 625 6.17 48.50 -44.54
C TRP C 625 5.60 48.95 -43.20
N LEU C 626 6.48 49.39 -42.29
CA LEU C 626 6.13 49.88 -40.96
C LEU C 626 5.39 51.23 -41.03
N VAL C 627 4.92 51.57 -42.22
CA VAL C 627 4.17 52.77 -42.57
C VAL C 627 3.04 52.44 -43.56
N GLU C 628 3.30 51.44 -44.46
CA GLU C 628 2.31 50.98 -45.44
C GLU C 628 1.19 50.26 -44.68
N PHE C 629 1.57 49.54 -43.61
CA PHE C 629 0.67 48.72 -42.80
C PHE C 629 0.40 49.29 -41.41
N ALA C 630 1.36 50.03 -40.83
CA ALA C 630 1.17 50.62 -39.50
C ALA C 630 1.24 52.16 -39.51
N PRO C 631 0.31 52.90 -40.18
CA PRO C 631 0.41 54.38 -40.14
C PRO C 631 0.02 54.94 -38.78
N ALA C 632 -0.66 54.09 -37.95
CA ALA C 632 -1.10 54.41 -36.60
C ALA C 632 0.10 54.36 -35.64
N PHE C 633 1.29 54.59 -36.20
CA PHE C 633 2.57 54.61 -35.50
C PHE C 633 3.24 55.95 -35.73
N PHE C 634 2.90 56.64 -36.83
CA PHE C 634 3.52 57.93 -37.10
C PHE C 634 2.56 59.13 -37.11
N LYS C 635 3.07 60.29 -36.59
CA LYS C 635 2.37 61.57 -36.49
C LYS C 635 2.90 62.57 -37.53
N VAL C 636 2.06 63.53 -37.89
CA VAL C 636 2.32 64.57 -38.89
C VAL C 636 3.40 65.61 -38.47
N SER C 637 4.43 65.79 -39.33
CA SER C 637 5.49 66.78 -39.12
C SER C 637 4.82 68.14 -39.20
N ASP C 638 5.08 69.02 -38.23
CA ASP C 638 4.44 70.34 -38.22
C ASP C 638 5.22 71.39 -39.07
N PRO C 639 4.64 71.83 -40.18
CA PRO C 639 5.30 72.86 -40.98
C PRO C 639 5.05 74.25 -40.38
N THR C 640 5.89 74.62 -39.40
CA THR C 640 5.83 75.91 -38.73
C THR C 640 7.23 76.52 -38.58
#